data_8QO8
#
_entry.id   8QO8
#
_cell.length_a   49.470
_cell.length_b   93.320
_cell.length_c   89.400
_cell.angle_alpha   90.00
_cell.angle_beta   97.73
_cell.angle_gamma   90.00
#
_symmetry.space_group_name_H-M   'P 1 21 1'
#
loop_
_entity.id
_entity.type
_entity.pdbx_description
1 polymer '12-oxophytodienoate reductase 3'
2 non-polymer 'FLAVIN MONONUCLEOTIDE'
3 non-polymer '1,4,5,6-Tetrahydronicotinamide adenine dinucleotide'
4 water water
#
_entity_poly.entity_id   1
_entity_poly.type   'polypeptide(L)'
_entity_poly.pdbx_seq_one_letter_code
;HHHHHHMASSAQDGNNPLFSPYKMGKFNLSHRVVLAPMTRCRALNNIPQAALGEYYEQRATAGGFLITEGTMISPTSAGF
PHVPGIFTKEQVREWKKIVDVVHAKGAVIFCQLWHVGRASHEVYQPAGAAPISSTEKPISNRWRILMPDGTHGIYPKPRA
IGTYEISQVVEDYRRSALNAIEAGFDGIEIHGAHGYLIDQFLKDGINDRTDEYGGSLANRCKFITQVVQAVVSAIGADRV
GVRVSPAIDHLDAMDSNPLSLGLAVVERLNKIQLHSGSKLAYLHVTQPEYVAYGQTEAGRLGSEEEEARLMRTLRNAYQG
TFICSGGYTRELGIEAVAQGDADLVSYGRLFISNPDLVMRIKLNAPLNKYNRKTFYTQDPVVGYTDYPFLQGNGSNGPLS
RL
;
_entity_poly.pdbx_strand_id   A,B
#
loop_
_chem_comp.id
_chem_comp.type
_chem_comp.name
_chem_comp.formula
FMN non-polymer 'FLAVIN MONONUCLEOTIDE' 'C17 H21 N4 O9 P'
WI6 non-polymer '1,4,5,6-Tetrahydronicotinamide adenine dinucleotide' 'C21 H31 N7 O14 P2'
#
# COMPACT_ATOMS: atom_id res chain seq x y z
N ASN A 16 -27.10 -7.14 11.09
CA ASN A 16 -26.58 -6.14 10.17
C ASN A 16 -25.36 -5.48 10.81
N PRO A 17 -24.19 -5.67 10.20
CA PRO A 17 -22.96 -5.08 10.79
C PRO A 17 -22.93 -3.56 10.76
N LEU A 18 -23.70 -2.89 9.90
CA LEU A 18 -23.76 -1.44 9.95
C LEU A 18 -24.38 -0.92 11.23
N PHE A 19 -25.01 -1.79 12.02
CA PHE A 19 -25.69 -1.37 13.25
C PHE A 19 -25.02 -1.92 14.49
N SER A 20 -23.80 -2.37 14.38
CA SER A 20 -23.03 -2.59 15.58
C SER A 20 -22.36 -1.28 15.99
N PRO A 21 -22.26 -1.00 17.28
CA PRO A 21 -21.67 0.26 17.72
C PRO A 21 -20.19 0.32 17.39
N TYR A 22 -19.67 1.53 17.36
CA TYR A 22 -18.27 1.76 17.04
C TYR A 22 -17.75 2.95 17.83
N LYS A 23 -16.57 2.78 18.42
CA LYS A 23 -15.93 3.85 19.18
C LYS A 23 -14.99 4.60 18.25
N MET A 24 -15.44 5.77 17.78
CA MET A 24 -14.58 6.72 17.09
C MET A 24 -13.84 7.57 18.11
N GLY A 25 -12.85 6.94 18.75
CA GLY A 25 -12.20 7.56 19.88
C GLY A 25 -13.21 7.80 20.98
N LYS A 26 -13.26 9.04 21.46
CA LYS A 26 -14.14 9.34 22.58
C LYS A 26 -15.60 9.48 22.19
N PHE A 27 -15.96 9.25 20.93
CA PHE A 27 -17.36 9.31 20.50
C PHE A 27 -17.84 7.88 20.25
N ASN A 28 -18.72 7.37 20.92
CA ASN A 28 -19.33 6.07 20.73
C ASN A 28 -20.53 6.25 19.81
N LEU A 29 -20.36 5.72 18.70
CA LEU A 29 -21.39 5.76 17.68
C LEU A 29 -22.27 4.52 17.80
N SER A 30 -23.57 4.73 17.62
CA SER A 30 -24.53 3.62 17.64
CA SER A 30 -24.54 3.61 17.61
C SER A 30 -24.67 2.75 16.30
N HIS A 31 -24.12 3.37 15.24
CA HIS A 31 -24.17 2.68 13.97
C HIS A 31 -23.12 3.31 13.06
N ARG A 32 -22.92 2.69 11.90
CA ARG A 32 -21.77 2.99 11.06
C ARG A 32 -22.12 3.73 9.79
N VAL A 33 -23.36 4.22 9.67
CA VAL A 33 -23.79 4.97 8.49
C VAL A 33 -23.49 6.44 8.74
N VAL A 34 -22.68 7.05 7.88
CA VAL A 34 -22.18 8.41 8.07
C VAL A 34 -22.72 9.31 6.96
N LEU A 35 -23.10 10.53 7.32
CA LEU A 35 -23.46 11.54 6.32
C LEU A 35 -22.18 12.10 5.72
N ALA A 36 -21.95 11.85 4.44
CA ALA A 36 -20.78 12.39 3.77
C ALA A 36 -20.93 13.91 3.60
N PRO A 37 -19.81 14.64 3.59
CA PRO A 37 -19.87 16.10 3.39
C PRO A 37 -20.40 16.44 2.00
N MET A 38 -21.38 17.33 1.95
CA MET A 38 -21.98 17.71 0.68
C MET A 38 -22.29 19.20 0.60
N THR A 39 -21.59 19.89 -0.28
CA THR A 39 -21.90 21.27 -0.65
C THR A 39 -23.30 21.34 -1.25
N ARG A 40 -24.15 22.20 -0.65
CA ARG A 40 -25.51 22.39 -1.13
C ARG A 40 -25.84 23.85 -1.42
N CYS A 41 -25.01 24.81 -1.02
CA CYS A 41 -25.15 26.21 -1.43
C CYS A 41 -26.42 26.88 -0.89
N ARG A 42 -26.89 26.49 0.29
CA ARG A 42 -28.00 27.18 0.92
C ARG A 42 -27.54 28.19 1.98
N ALA A 43 -26.24 28.31 2.22
CA ALA A 43 -25.69 29.19 3.26
C ALA A 43 -25.48 30.57 2.65
N LEU A 44 -26.58 31.30 2.49
CA LEU A 44 -26.57 32.52 1.70
C LEU A 44 -25.55 33.54 2.24
N ASN A 45 -24.73 34.08 1.34
CA ASN A 45 -23.70 35.07 1.67
C ASN A 45 -22.72 34.53 2.69
N ASN A 46 -22.50 33.21 2.66
CA ASN A 46 -21.58 32.48 3.52
C ASN A 46 -22.02 32.39 4.97
N ILE A 47 -23.25 32.80 5.28
CA ILE A 47 -23.78 32.67 6.63
C ILE A 47 -24.56 31.36 6.73
N PRO A 48 -24.25 30.50 7.70
CA PRO A 48 -25.11 29.35 7.95
C PRO A 48 -26.53 29.81 8.27
N GLN A 49 -27.50 29.29 7.53
CA GLN A 49 -28.89 29.69 7.59
C GLN A 49 -29.67 28.68 8.41
N ALA A 50 -30.85 29.10 8.90
CA ALA A 50 -31.72 28.19 9.63
C ALA A 50 -32.06 26.94 8.81
N ALA A 51 -32.11 27.07 7.48
CA ALA A 51 -32.39 25.92 6.62
C ALA A 51 -31.37 24.82 6.84
N LEU A 52 -30.11 25.19 7.06
CA LEU A 52 -29.08 24.18 7.33
C LEU A 52 -29.42 23.40 8.59
N GLY A 53 -29.90 24.10 9.61
CA GLY A 53 -30.30 23.39 10.83
C GLY A 53 -31.39 22.37 10.56
N GLU A 54 -32.42 22.76 9.79
CA GLU A 54 -33.48 21.82 9.45
C GLU A 54 -32.95 20.64 8.66
N TYR A 55 -32.05 20.89 7.70
CA TYR A 55 -31.50 19.84 6.85
C TYR A 55 -30.70 18.82 7.65
N TYR A 56 -29.77 19.31 8.48
CA TYR A 56 -28.97 18.39 9.28
C TYR A 56 -29.80 17.70 10.36
N GLU A 57 -30.77 18.42 10.94
CA GLU A 57 -31.65 17.81 11.93
C GLU A 57 -32.43 16.64 11.33
N GLN A 58 -32.93 16.79 10.10
CA GLN A 58 -33.68 15.70 9.48
C GLN A 58 -32.84 14.44 9.35
N ARG A 59 -31.55 14.61 9.13
CA ARG A 59 -30.64 13.50 8.84
C ARG A 59 -29.95 12.96 10.09
N ALA A 60 -29.99 13.70 11.19
CA ALA A 60 -29.34 13.30 12.43
C ALA A 60 -30.07 12.14 13.09
N THR A 61 -29.30 11.23 13.70
CA THR A 61 -29.83 10.12 14.49
C THR A 61 -29.04 10.03 15.78
N ALA A 62 -29.64 9.41 16.80
CA ALA A 62 -28.94 9.24 18.06
C ALA A 62 -27.76 8.30 17.89
N GLY A 63 -26.56 8.79 18.19
CA GLY A 63 -25.35 8.05 17.98
C GLY A 63 -24.87 7.99 16.55
N GLY A 64 -25.45 8.77 15.64
CA GLY A 64 -25.00 8.82 14.27
C GLY A 64 -24.03 9.95 14.02
N PHE A 65 -23.12 9.74 13.07
CA PHE A 65 -22.08 10.71 12.75
C PHE A 65 -22.44 11.48 11.48
N LEU A 66 -22.33 12.80 11.55
CA LEU A 66 -22.60 13.69 10.43
C LEU A 66 -21.34 14.51 10.13
N ILE A 67 -21.04 14.70 8.85
CA ILE A 67 -19.98 15.59 8.40
C ILE A 67 -20.63 16.68 7.58
N THR A 68 -20.36 17.94 7.93
CA THR A 68 -21.00 19.04 7.21
C THR A 68 -20.39 19.20 5.82
N GLU A 69 -21.13 19.97 5.02
CA GLU A 69 -20.61 20.48 3.76
C GLU A 69 -19.29 21.19 3.99
N GLY A 70 -18.47 21.22 2.94
CA GLY A 70 -17.25 22.02 2.98
C GLY A 70 -17.51 23.44 3.47
N THR A 71 -16.66 23.93 4.36
CA THR A 71 -16.86 25.22 5.01
C THR A 71 -15.59 26.06 4.84
N MET A 72 -15.75 27.32 4.44
CA MET A 72 -14.60 28.17 4.16
C MET A 72 -13.78 28.50 5.40
N ILE A 73 -12.46 28.56 5.20
CA ILE A 73 -11.51 28.89 6.25
C ILE A 73 -11.01 30.32 6.17
N SER A 74 -11.40 31.07 5.14
CA SER A 74 -10.86 32.40 4.89
C SER A 74 -11.63 33.04 3.75
N PRO A 75 -11.55 34.36 3.59
CA PRO A 75 -12.26 35.02 2.49
C PRO A 75 -11.86 34.56 1.10
N THR A 76 -10.69 33.94 0.94
CA THR A 76 -10.18 33.55 -0.36
C THR A 76 -10.37 32.06 -0.65
N SER A 77 -11.07 31.32 0.22
CA SER A 77 -11.11 29.88 0.16
C SER A 77 -12.29 29.31 -0.63
N ALA A 78 -13.17 30.12 -1.19
CA ALA A 78 -14.41 29.63 -1.79
C ALA A 78 -14.35 29.58 -3.32
N GLY A 79 -15.06 28.61 -3.87
CA GLY A 79 -15.23 28.49 -5.31
C GLY A 79 -16.61 27.97 -5.66
N PHE A 80 -17.56 28.11 -4.74
CA PHE A 80 -18.97 27.82 -4.96
C PHE A 80 -19.77 28.96 -4.34
N PRO A 81 -20.98 29.18 -4.81
CA PRO A 81 -21.79 30.26 -4.22
C PRO A 81 -22.47 29.78 -2.94
N HIS A 82 -22.54 30.69 -1.95
CA HIS A 82 -23.38 30.48 -0.76
C HIS A 82 -22.98 29.22 0.02
N VAL A 83 -21.67 29.01 0.14
CA VAL A 83 -21.14 27.97 1.00
C VAL A 83 -20.85 28.61 2.34
N PRO A 84 -21.07 27.91 3.44
CA PRO A 84 -20.86 28.54 4.75
C PRO A 84 -19.37 28.73 5.04
N GLY A 85 -19.09 29.75 5.85
CA GLY A 85 -17.78 29.97 6.39
C GLY A 85 -17.74 29.67 7.88
N ILE A 86 -16.52 29.58 8.41
CA ILE A 86 -16.36 29.48 9.86
C ILE A 86 -15.14 30.31 10.28
N PHE A 87 -14.87 31.38 9.54
CA PHE A 87 -13.74 32.24 9.85
C PHE A 87 -14.12 33.55 10.54
N THR A 88 -15.42 33.84 10.69
CA THR A 88 -15.87 35.05 11.39
C THR A 88 -16.68 34.67 12.62
N LYS A 89 -16.73 35.59 13.58
CA LYS A 89 -17.51 35.33 14.79
C LYS A 89 -19.00 35.27 14.49
N GLU A 90 -19.44 36.04 13.51
CA GLU A 90 -20.87 35.89 13.06
CA GLU A 90 -20.85 35.87 13.06
C GLU A 90 -21.24 34.45 12.55
N GLN A 91 -20.27 33.92 11.77
CA GLN A 91 -20.48 32.56 11.29
C GLN A 91 -20.46 31.56 12.44
N VAL A 92 -19.57 31.76 13.41
CA VAL A 92 -19.55 30.91 14.61
C VAL A 92 -20.89 30.94 15.33
N ARG A 93 -21.45 32.14 15.54
CA ARG A 93 -22.73 32.24 16.25
C ARG A 93 -23.83 31.46 15.53
N GLU A 94 -23.86 31.54 14.20
CA GLU A 94 -24.93 30.89 13.46
C GLU A 94 -24.73 29.38 13.38
N TRP A 95 -23.49 28.93 13.24
CA TRP A 95 -23.23 27.49 13.30
C TRP A 95 -23.65 26.92 14.65
N LYS A 96 -23.47 27.70 15.73
CA LYS A 96 -23.76 27.20 17.06
C LYS A 96 -25.22 26.76 17.18
N LYS A 97 -26.13 27.54 16.56
CA LYS A 97 -27.55 27.18 16.56
C LYS A 97 -27.80 25.87 15.81
N ILE A 98 -27.04 25.63 14.74
CA ILE A 98 -27.20 24.39 13.98
C ILE A 98 -26.65 23.20 14.77
N VAL A 99 -25.45 23.37 15.35
CA VAL A 99 -24.86 22.30 16.13
C VAL A 99 -25.74 21.93 17.32
N ASP A 100 -26.38 22.92 17.94
CA ASP A 100 -27.22 22.65 19.10
C ASP A 100 -28.40 21.77 18.72
N VAL A 101 -29.02 22.04 17.57
CA VAL A 101 -30.16 21.28 17.09
C VAL A 101 -29.77 19.83 16.81
N VAL A 102 -28.60 19.62 16.20
CA VAL A 102 -28.14 18.26 15.89
C VAL A 102 -27.78 17.51 17.16
N HIS A 103 -27.12 18.19 18.09
CA HIS A 103 -26.75 17.56 19.37
C HIS A 103 -27.99 17.18 20.18
N ALA A 104 -29.09 17.92 20.03
CA ALA A 104 -30.31 17.56 20.74
C ALA A 104 -30.94 16.28 20.21
N LYS A 105 -30.51 15.84 19.04
CA LYS A 105 -30.98 14.54 18.51
C LYS A 105 -29.95 13.44 18.84
N GLY A 106 -28.86 13.80 19.50
CA GLY A 106 -27.87 12.81 19.92
C GLY A 106 -26.82 12.48 18.87
N ALA A 107 -26.71 13.31 17.84
CA ALA A 107 -25.73 13.01 16.80
C ALA A 107 -24.38 13.62 17.14
N VAL A 108 -23.34 13.06 16.51
CA VAL A 108 -22.01 13.63 16.51
C VAL A 108 -21.82 14.32 15.16
N ILE A 109 -21.26 15.53 15.17
CA ILE A 109 -21.12 16.32 13.95
C ILE A 109 -19.73 16.94 13.87
N PHE A 110 -19.06 16.76 12.73
CA PHE A 110 -17.77 17.38 12.43
C PHE A 110 -17.97 18.38 11.30
N CYS A 111 -17.23 19.47 11.33
CA CYS A 111 -17.27 20.50 10.29
C CYS A 111 -16.11 20.28 9.34
N GLN A 112 -16.41 20.15 8.04
CA GLN A 112 -15.35 19.96 7.06
C GLN A 112 -14.78 21.31 6.65
N LEU A 113 -13.47 21.46 6.81
CA LEU A 113 -12.79 22.71 6.45
C LEU A 113 -12.24 22.62 5.04
N TRP A 114 -12.60 23.59 4.19
CA TRP A 114 -12.45 23.44 2.75
C TRP A 114 -11.83 24.70 2.15
N HIS A 115 -10.70 24.55 1.48
CA HIS A 115 -10.12 25.59 0.63
C HIS A 115 -10.05 25.06 -0.79
N VAL A 116 -10.65 25.77 -1.75
CA VAL A 116 -10.71 25.28 -3.13
C VAL A 116 -9.44 25.53 -3.93
N GLY A 117 -8.53 26.35 -3.45
CA GLY A 117 -7.34 26.64 -4.24
C GLY A 117 -7.71 27.25 -5.58
N ARG A 118 -7.13 26.69 -6.65
CA ARG A 118 -7.31 27.23 -7.99
C ARG A 118 -8.70 26.97 -8.54
N ALA A 119 -9.52 26.16 -7.87
CA ALA A 119 -10.88 25.87 -8.32
C ALA A 119 -11.84 26.98 -7.87
N SER A 120 -11.60 28.17 -8.40
CA SER A 120 -12.37 29.36 -8.02
C SER A 120 -12.49 30.25 -9.25
N HIS A 121 -12.95 31.48 -9.03
CA HIS A 121 -13.19 32.44 -10.12
C HIS A 121 -13.17 33.83 -9.48
N GLU A 122 -12.89 34.84 -10.32
CA GLU A 122 -12.88 36.22 -9.83
C GLU A 122 -14.15 36.56 -9.05
N VAL A 123 -15.29 36.02 -9.47
CA VAL A 123 -16.56 36.35 -8.82
C VAL A 123 -16.59 35.89 -7.37
N TYR A 124 -15.77 34.89 -7.01
CA TYR A 124 -15.77 34.32 -5.67
C TYR A 124 -14.63 34.85 -4.81
N GLN A 125 -13.77 35.71 -5.36
CA GLN A 125 -12.59 36.18 -4.69
C GLN A 125 -12.75 37.64 -4.28
N PRO A 126 -12.24 38.02 -3.10
CA PRO A 126 -12.27 39.44 -2.71
C PRO A 126 -11.56 40.29 -3.74
N ALA A 127 -12.20 41.40 -4.11
CA ALA A 127 -11.66 42.33 -5.10
C ALA A 127 -11.42 41.67 -6.47
N GLY A 128 -12.02 40.52 -6.73
CA GLY A 128 -11.81 39.83 -7.98
C GLY A 128 -10.39 39.34 -8.19
N ALA A 129 -9.67 39.08 -7.10
CA ALA A 129 -8.28 38.64 -7.18
C ALA A 129 -8.20 37.23 -7.77
N ALA A 130 -7.01 36.87 -8.22
CA ALA A 130 -6.80 35.52 -8.71
C ALA A 130 -6.82 34.53 -7.54
N PRO A 131 -7.38 33.34 -7.73
CA PRO A 131 -7.27 32.31 -6.69
C PRO A 131 -5.83 31.88 -6.50
N ILE A 132 -5.58 31.18 -5.38
CA ILE A 132 -4.24 30.75 -5.03
C ILE A 132 -4.11 29.24 -5.24
N SER A 133 -2.88 28.81 -5.49
CA SER A 133 -2.62 27.39 -5.69
C SER A 133 -1.15 27.09 -5.42
N SER A 134 -0.79 25.81 -5.56
CA SER A 134 0.62 25.42 -5.60
C SER A 134 1.27 25.84 -6.90
N THR A 135 0.48 26.12 -7.93
CA THR A 135 0.95 26.24 -9.30
C THR A 135 0.27 27.46 -9.93
N GLU A 136 0.79 27.89 -11.07
CA GLU A 136 0.09 28.86 -11.91
C GLU A 136 -0.72 28.21 -13.02
N LYS A 137 -0.71 26.90 -13.11
CA LYS A 137 -1.47 26.21 -14.14
C LYS A 137 -2.95 26.27 -13.80
N PRO A 138 -3.80 26.75 -14.72
CA PRO A 138 -5.24 26.69 -14.48
C PRO A 138 -5.77 25.28 -14.73
N ILE A 139 -6.91 25.00 -14.09
CA ILE A 139 -7.69 23.83 -14.48
C ILE A 139 -7.99 23.95 -15.97
N SER A 140 -7.88 22.84 -16.70
CA SER A 140 -8.02 22.93 -18.15
C SER A 140 -9.46 23.28 -18.53
N ASN A 141 -9.66 23.60 -19.81
CA ASN A 141 -10.96 24.07 -20.26
C ASN A 141 -12.01 22.97 -20.31
N ARG A 142 -11.62 21.72 -20.08
CA ARG A 142 -12.57 20.60 -20.01
C ARG A 142 -13.51 20.71 -18.82
N TRP A 143 -13.12 21.42 -17.77
CA TRP A 143 -13.97 21.65 -16.60
C TRP A 143 -14.43 23.10 -16.57
N ARG A 144 -15.68 23.30 -16.14
CA ARG A 144 -16.28 24.63 -15.98
C ARG A 144 -16.77 24.82 -14.54
N ILE A 145 -16.77 26.08 -14.10
CA ILE A 145 -17.14 26.41 -12.72
C ILE A 145 -18.58 26.92 -12.68
N LEU A 146 -19.35 26.44 -11.71
CA LEU A 146 -20.70 26.99 -11.51
C LEU A 146 -20.59 28.43 -11.01
N MET A 147 -21.30 29.33 -11.67
CA MET A 147 -21.40 30.75 -11.42
C MET A 147 -22.59 31.06 -10.51
N PRO A 148 -22.56 32.21 -9.82
CA PRO A 148 -23.70 32.54 -8.96
C PRO A 148 -25.03 32.65 -9.68
N ASP A 149 -25.04 32.94 -10.98
CA ASP A 149 -26.28 33.02 -11.73
C ASP A 149 -26.71 31.69 -12.33
N GLY A 150 -26.03 30.59 -12.02
CA GLY A 150 -26.43 29.30 -12.50
C GLY A 150 -25.82 28.89 -13.83
N THR A 151 -25.10 29.79 -14.49
CA THR A 151 -24.36 29.41 -15.68
C THR A 151 -23.03 28.81 -15.27
N HIS A 152 -22.22 28.45 -16.26
CA HIS A 152 -20.92 27.88 -16.01
C HIS A 152 -19.85 28.75 -16.66
N GLY A 153 -18.76 28.99 -15.93
CA GLY A 153 -17.71 29.89 -16.35
C GLY A 153 -16.38 29.17 -16.49
N ILE A 154 -15.32 29.94 -16.77
CA ILE A 154 -14.00 29.38 -17.07
C ILE A 154 -13.09 29.58 -15.86
N TYR A 155 -12.39 28.50 -15.47
CA TYR A 155 -11.44 28.61 -14.37
C TYR A 155 -10.26 29.48 -14.76
N PRO A 156 -9.91 30.49 -13.97
CA PRO A 156 -8.81 31.38 -14.32
C PRO A 156 -7.47 30.82 -13.90
N LYS A 157 -6.43 31.49 -14.36
CA LYS A 157 -5.07 31.15 -13.96
C LYS A 157 -4.87 31.51 -12.50
N PRO A 158 -4.41 30.60 -11.66
CA PRO A 158 -4.18 30.92 -10.25
C PRO A 158 -2.81 31.55 -10.05
N ARG A 159 -2.60 32.03 -8.82
CA ARG A 159 -1.35 32.58 -8.36
C ARG A 159 -0.63 31.52 -7.51
N ALA A 160 0.61 31.22 -7.85
CA ALA A 160 1.38 30.23 -7.09
C ALA A 160 1.96 30.91 -5.84
N ILE A 161 1.66 30.36 -4.68
CA ILE A 161 2.02 31.00 -3.42
C ILE A 161 3.41 30.56 -2.97
N GLY A 162 4.10 31.46 -2.28
CA GLY A 162 5.37 31.15 -1.66
C GLY A 162 5.17 30.50 -0.30
N THR A 163 6.29 30.18 0.36
CA THR A 163 6.18 29.40 1.57
C THR A 163 5.68 30.21 2.77
N TYR A 164 5.89 31.53 2.77
CA TYR A 164 5.29 32.35 3.82
C TYR A 164 3.77 32.30 3.73
N GLU A 165 3.23 32.43 2.52
CA GLU A 165 1.79 32.38 2.37
C GLU A 165 1.23 30.99 2.66
N ILE A 166 2.00 29.94 2.37
CA ILE A 166 1.59 28.59 2.77
C ILE A 166 1.40 28.52 4.28
N SER A 167 2.35 29.08 5.03
CA SER A 167 2.21 29.10 6.49
C SER A 167 1.00 29.90 6.94
N GLN A 168 0.64 30.95 6.19
CA GLN A 168 -0.56 31.72 6.53
C GLN A 168 -1.83 30.92 6.29
N VAL A 169 -1.86 30.13 5.22
CA VAL A 169 -3.03 29.29 4.95
C VAL A 169 -3.18 28.22 6.02
N VAL A 170 -2.06 27.62 6.44
CA VAL A 170 -2.09 26.68 7.57
C VAL A 170 -2.70 27.33 8.79
N GLU A 171 -2.32 28.59 9.07
CA GLU A 171 -2.90 29.30 10.21
C GLU A 171 -4.40 29.50 10.03
N ASP A 172 -4.88 29.69 8.80
CA ASP A 172 -6.31 29.81 8.56
C ASP A 172 -7.05 28.51 8.93
N TYR A 173 -6.46 27.36 8.58
CA TYR A 173 -7.03 26.09 9.03
C TYR A 173 -7.04 26.01 10.55
N ARG A 174 -5.95 26.43 11.20
CA ARG A 174 -5.87 26.36 12.66
C ARG A 174 -6.95 27.21 13.33
N ARG A 175 -7.08 28.48 12.90
CA ARG A 175 -8.10 29.35 13.47
C ARG A 175 -9.51 28.82 13.20
N SER A 176 -9.75 28.31 12.00
CA SER A 176 -11.06 27.77 11.68
C SER A 176 -11.38 26.55 12.54
N ALA A 177 -10.38 25.71 12.80
CA ALA A 177 -10.58 24.56 13.67
C ALA A 177 -10.98 25.01 15.08
N LEU A 178 -10.30 26.03 15.60
CA LEU A 178 -10.67 26.58 16.91
C LEU A 178 -12.07 27.19 16.88
N ASN A 179 -12.42 27.88 15.79
CA ASN A 179 -13.76 28.45 15.67
C ASN A 179 -14.81 27.34 15.65
N ALA A 180 -14.51 26.22 14.98
CA ALA A 180 -15.47 25.11 14.97
C ALA A 180 -15.71 24.57 16.37
N ILE A 181 -14.65 24.43 17.16
CA ILE A 181 -14.83 23.97 18.53
C ILE A 181 -15.66 24.97 19.33
N GLU A 182 -15.41 26.27 19.12
CA GLU A 182 -16.18 27.30 19.81
C GLU A 182 -17.66 27.22 19.47
N ALA A 183 -17.98 26.88 18.21
CA ALA A 183 -19.37 26.69 17.81
C ALA A 183 -20.00 25.43 18.39
N GLY A 184 -19.21 24.55 19.00
CA GLY A 184 -19.73 23.33 19.58
C GLY A 184 -19.52 22.08 18.76
N PHE A 185 -18.91 22.19 17.58
CA PHE A 185 -18.65 21.00 16.79
C PHE A 185 -17.83 20.00 17.58
N ASP A 186 -18.11 18.72 17.35
CA ASP A 186 -17.36 17.65 17.99
C ASP A 186 -15.97 17.52 17.42
N GLY A 187 -15.76 17.96 16.19
CA GLY A 187 -14.45 17.91 15.56
C GLY A 187 -14.52 18.55 14.19
N ILE A 188 -13.43 18.40 13.45
CA ILE A 188 -13.34 18.92 12.09
C ILE A 188 -12.81 17.82 11.18
N GLU A 189 -13.08 17.98 9.89
CA GLU A 189 -12.48 17.14 8.87
C GLU A 189 -11.71 18.03 7.90
N ILE A 190 -10.49 17.62 7.58
CA ILE A 190 -9.66 18.34 6.61
C ILE A 190 -10.03 17.84 5.20
N HIS A 191 -10.53 18.74 4.36
CA HIS A 191 -10.84 18.39 2.98
C HIS A 191 -9.55 18.39 2.18
N GLY A 192 -8.97 17.21 2.00
CA GLY A 192 -7.76 17.07 1.19
C GLY A 192 -8.00 16.29 -0.09
N ALA A 193 -9.21 16.40 -0.63
CA ALA A 193 -9.67 15.56 -1.74
C ALA A 193 -10.12 16.40 -2.93
N HIS A 194 -10.51 15.68 -4.00
CA HIS A 194 -11.31 16.21 -5.11
C HIS A 194 -10.64 17.33 -5.90
N GLY A 195 -9.32 17.43 -5.88
CA GLY A 195 -8.63 18.45 -6.65
C GLY A 195 -8.63 19.84 -6.08
N TYR A 196 -8.96 20.00 -4.80
CA TYR A 196 -8.98 21.32 -4.18
C TYR A 196 -7.57 21.65 -3.68
N LEU A 197 -7.42 22.61 -2.77
CA LEU A 197 -6.10 23.20 -2.53
C LEU A 197 -5.09 22.15 -2.06
N ILE A 198 -5.45 21.35 -1.05
CA ILE A 198 -4.52 20.32 -0.55
C ILE A 198 -4.16 19.33 -1.66
N ASP A 199 -5.16 18.95 -2.46
CA ASP A 199 -4.90 18.00 -3.54
C ASP A 199 -4.02 18.62 -4.64
N GLN A 200 -4.04 19.96 -4.77
CA GLN A 200 -3.17 20.64 -5.72
C GLN A 200 -1.70 20.58 -5.29
N PHE A 201 -1.44 20.38 -4.01
CA PHE A 201 -0.09 20.07 -3.55
C PHE A 201 0.22 18.56 -3.64
N LEU A 202 -0.75 17.69 -3.36
CA LEU A 202 -0.47 16.25 -3.32
C LEU A 202 -0.18 15.67 -4.70
N LYS A 203 -0.93 16.10 -5.72
CA LYS A 203 -0.97 15.41 -7.02
C LYS A 203 0.14 15.91 -7.93
N ASP A 204 0.97 14.99 -8.45
CA ASP A 204 2.06 15.40 -9.34
C ASP A 204 1.58 15.89 -10.70
N GLY A 205 0.32 15.64 -11.06
CA GLY A 205 -0.22 16.25 -12.27
C GLY A 205 -0.51 17.73 -12.12
N ILE A 206 -0.56 18.23 -10.89
CA ILE A 206 -0.80 19.64 -10.61
C ILE A 206 0.46 20.33 -10.08
N ASN A 207 1.11 19.71 -9.11
CA ASN A 207 2.20 20.35 -8.37
C ASN A 207 3.45 20.29 -9.24
N ASP A 208 3.79 21.43 -9.83
CA ASP A 208 5.02 21.57 -10.61
C ASP A 208 6.06 22.42 -9.89
N ARG A 209 6.00 22.44 -8.55
CA ARG A 209 6.93 23.27 -7.79
C ARG A 209 8.31 22.63 -7.75
N THR A 210 9.33 23.49 -7.67
CA THR A 210 10.71 23.06 -7.51
C THR A 210 11.29 23.46 -6.15
N ASP A 211 10.46 23.94 -5.23
CA ASP A 211 10.90 24.23 -3.87
C ASP A 211 10.62 23.03 -2.97
N GLU A 212 10.67 23.24 -1.65
CA GLU A 212 10.53 22.13 -0.72
C GLU A 212 9.10 21.61 -0.60
N TYR A 213 8.13 22.18 -1.33
CA TYR A 213 6.78 21.66 -1.36
C TYR A 213 6.46 20.92 -2.64
N GLY A 214 7.46 20.67 -3.50
CA GLY A 214 7.22 20.00 -4.76
C GLY A 214 8.28 18.96 -5.05
N GLY A 215 7.98 18.11 -6.02
CA GLY A 215 8.90 17.06 -6.44
C GLY A 215 8.60 15.73 -5.79
N SER A 216 9.37 15.40 -4.76
CA SER A 216 9.29 14.08 -4.13
C SER A 216 7.95 13.92 -3.40
N LEU A 217 7.60 12.66 -3.12
CA LEU A 217 6.43 12.36 -2.32
C LEU A 217 6.47 13.09 -0.99
N ALA A 218 7.64 13.13 -0.34
CA ALA A 218 7.75 13.79 0.96
C ALA A 218 7.44 15.26 0.83
N ASN A 219 7.99 15.92 -0.19
CA ASN A 219 7.72 17.34 -0.40
C ASN A 219 6.26 17.58 -0.74
N ARG A 220 5.65 16.71 -1.56
CA ARG A 220 4.26 16.93 -1.94
C ARG A 220 3.29 16.70 -0.77
N CYS A 221 3.67 15.86 0.18
CA CYS A 221 2.90 15.62 1.40
C CYS A 221 3.15 16.65 2.49
N LYS A 222 4.07 17.58 2.30
CA LYS A 222 4.40 18.54 3.34
C LYS A 222 3.20 19.40 3.72
N PHE A 223 2.46 19.91 2.73
CA PHE A 223 1.36 20.80 3.03
C PHE A 223 0.28 20.10 3.85
N ILE A 224 -0.19 18.93 3.40
CA ILE A 224 -1.23 18.24 4.17
C ILE A 224 -0.72 17.89 5.56
N THR A 225 0.56 17.53 5.68
CA THR A 225 1.11 17.20 7.00
C THR A 225 1.07 18.42 7.92
N GLN A 226 1.49 19.58 7.40
CA GLN A 226 1.49 20.80 8.20
C GLN A 226 0.08 21.23 8.57
N VAL A 227 -0.89 21.06 7.66
CA VAL A 227 -2.28 21.39 7.98
C VAL A 227 -2.79 20.50 9.11
N VAL A 228 -2.61 19.19 8.96
CA VAL A 228 -3.10 18.26 9.98
C VAL A 228 -2.43 18.50 11.32
N GLN A 229 -1.10 18.69 11.32
CA GLN A 229 -0.38 18.96 12.56
C GLN A 229 -0.90 20.24 13.24
N ALA A 230 -1.15 21.29 12.46
CA ALA A 230 -1.63 22.54 13.03
C ALA A 230 -2.97 22.34 13.75
N VAL A 231 -3.92 21.65 13.08
CA VAL A 231 -5.22 21.47 13.71
C VAL A 231 -5.14 20.46 14.86
N VAL A 232 -4.29 19.44 14.74
CA VAL A 232 -4.10 18.49 15.84
C VAL A 232 -3.57 19.20 17.08
N SER A 233 -2.58 20.08 16.91
CA SER A 233 -2.06 20.81 18.05
C SER A 233 -3.11 21.73 18.66
N ALA A 234 -4.05 22.22 17.85
CA ALA A 234 -5.00 23.22 18.33
C ALA A 234 -6.18 22.59 19.05
N ILE A 235 -6.70 21.45 18.57
CA ILE A 235 -7.94 20.91 19.11
C ILE A 235 -7.82 19.46 19.57
N GLY A 236 -6.68 18.83 19.32
CA GLY A 236 -6.50 17.45 19.72
C GLY A 236 -6.74 16.48 18.58
N ALA A 237 -5.88 15.45 18.46
CA ALA A 237 -5.97 14.56 17.31
C ALA A 237 -7.32 13.85 17.24
N ASP A 238 -7.91 13.52 18.39
CA ASP A 238 -9.14 12.74 18.33
C ASP A 238 -10.33 13.54 17.83
N ARG A 239 -10.16 14.85 17.62
CA ARG A 239 -11.19 15.69 17.03
C ARG A 239 -10.87 16.06 15.59
N VAL A 240 -9.96 15.33 14.94
CA VAL A 240 -9.50 15.67 13.59
C VAL A 240 -9.67 14.46 12.68
N GLY A 241 -10.49 14.60 11.64
CA GLY A 241 -10.54 13.62 10.56
C GLY A 241 -9.87 14.16 9.31
N VAL A 242 -9.42 13.29 8.41
CA VAL A 242 -8.73 13.70 7.18
C VAL A 242 -9.36 12.97 6.00
N ARG A 243 -9.71 13.71 4.94
CA ARG A 243 -10.31 13.11 3.76
C ARG A 243 -9.40 13.30 2.56
N VAL A 244 -9.13 12.22 1.82
CA VAL A 244 -8.32 12.27 0.61
C VAL A 244 -8.96 11.41 -0.48
N SER A 245 -8.49 11.60 -1.71
CA SER A 245 -9.04 10.88 -2.87
C SER A 245 -7.93 10.70 -3.91
N PRO A 246 -6.97 9.82 -3.63
CA PRO A 246 -5.82 9.71 -4.54
C PRO A 246 -6.19 9.32 -5.97
N ALA A 247 -7.28 8.58 -6.17
CA ALA A 247 -7.62 8.03 -7.48
C ALA A 247 -8.71 8.81 -8.20
N ILE A 248 -9.25 9.87 -7.59
CA ILE A 248 -10.23 10.71 -8.27
C ILE A 248 -9.48 11.81 -9.00
N ASP A 249 -9.68 11.87 -10.31
CA ASP A 249 -9.05 12.87 -11.19
CA ASP A 249 -9.02 12.94 -11.12
C ASP A 249 -9.84 14.21 -11.50
N HIS A 250 -10.86 14.42 -10.67
CA HIS A 250 -11.69 15.61 -10.82
C HIS A 250 -10.84 16.88 -10.86
N LEU A 251 -11.21 17.81 -11.75
CA LEU A 251 -10.53 19.12 -11.84
C LEU A 251 -9.05 18.98 -12.19
N ASP A 252 -8.73 18.03 -13.07
CA ASP A 252 -7.36 17.85 -13.55
C ASP A 252 -6.41 17.49 -12.42
N ALA A 253 -6.84 16.61 -11.53
CA ALA A 253 -6.08 16.28 -10.34
C ALA A 253 -5.66 14.81 -10.39
N MET A 254 -4.71 14.52 -11.28
CA MET A 254 -4.22 13.16 -11.47
C MET A 254 -2.85 13.02 -10.84
N ASP A 255 -2.57 11.83 -10.33
CA ASP A 255 -1.22 11.45 -9.93
C ASP A 255 -0.78 10.26 -10.76
N SER A 256 0.51 10.26 -11.12
CA SER A 256 1.07 9.19 -11.91
C SER A 256 1.03 7.85 -11.18
N ASN A 257 0.93 7.88 -9.84
CA ASN A 257 0.90 6.66 -9.04
C ASN A 257 -0.01 6.87 -7.86
N PRO A 258 -1.33 6.76 -8.06
CA PRO A 258 -2.28 7.03 -6.95
C PRO A 258 -2.07 6.18 -5.73
N LEU A 259 -1.77 4.89 -5.90
CA LEU A 259 -1.58 4.03 -4.74
C LEU A 259 -0.37 4.47 -3.92
N SER A 260 0.75 4.77 -4.60
CA SER A 260 1.93 5.29 -3.91
C SER A 260 1.61 6.57 -3.15
N LEU A 261 0.90 7.47 -3.81
CA LEU A 261 0.55 8.73 -3.16
C LEU A 261 -0.29 8.49 -1.92
N GLY A 262 -1.31 7.63 -2.05
CA GLY A 262 -2.16 7.32 -0.91
C GLY A 262 -1.39 6.73 0.24
N LEU A 263 -0.48 5.81 -0.06
CA LEU A 263 0.32 5.22 1.00
C LEU A 263 1.26 6.25 1.64
N ALA A 264 1.77 7.18 0.84
CA ALA A 264 2.65 8.23 1.38
C ALA A 264 1.89 9.12 2.35
N VAL A 265 0.65 9.48 2.03
CA VAL A 265 -0.15 10.26 2.96
C VAL A 265 -0.41 9.48 4.23
N VAL A 266 -0.76 8.20 4.10
CA VAL A 266 -1.04 7.39 5.29
C VAL A 266 0.20 7.33 6.19
N GLU A 267 1.38 7.16 5.60
CA GLU A 267 2.65 7.20 6.33
C GLU A 267 2.75 8.44 7.21
N ARG A 268 2.48 9.63 6.65
CA ARG A 268 2.61 10.85 7.43
C ARG A 268 1.57 10.93 8.52
N LEU A 269 0.36 10.43 8.27
CA LEU A 269 -0.68 10.43 9.29
C LEU A 269 -0.32 9.50 10.44
N ASN A 270 0.19 8.31 10.11
CA ASN A 270 0.65 7.40 11.16
C ASN A 270 1.73 8.05 12.02
N LYS A 271 2.63 8.81 11.38
CA LYS A 271 3.71 9.48 12.11
C LYS A 271 3.18 10.62 12.98
N ILE A 272 2.22 11.39 12.47
CA ILE A 272 1.61 12.42 13.29
C ILE A 272 1.01 11.80 14.56
N GLN A 273 0.37 10.64 14.41
CA GLN A 273 -0.25 9.99 15.55
C GLN A 273 0.80 9.55 16.58
N LEU A 274 1.92 9.00 16.12
CA LEU A 274 2.97 8.58 17.04
C LEU A 274 3.55 9.77 17.80
N HIS A 275 3.84 10.85 17.08
CA HIS A 275 4.48 12.01 17.70
C HIS A 275 3.54 12.73 18.67
N SER A 276 2.24 12.71 18.40
CA SER A 276 1.27 13.34 19.28
C SER A 276 0.81 12.44 20.41
N GLY A 277 1.08 11.13 20.32
CA GLY A 277 0.59 10.21 21.32
C GLY A 277 -0.91 10.00 21.31
N SER A 278 -1.57 10.27 20.19
CA SER A 278 -3.01 10.08 20.09
C SER A 278 -3.37 9.76 18.66
N LYS A 279 -4.53 9.11 18.49
CA LYS A 279 -5.02 8.79 17.16
C LYS A 279 -5.94 9.89 16.65
N LEU A 280 -5.87 10.12 15.35
CA LEU A 280 -6.85 10.96 14.69
C LEU A 280 -8.25 10.35 14.86
N ALA A 281 -9.26 11.16 14.59
CA ALA A 281 -10.62 10.62 14.60
C ALA A 281 -10.78 9.55 13.54
N TYR A 282 -10.22 9.77 12.34
CA TYR A 282 -10.35 8.82 11.25
C TYR A 282 -9.59 9.32 10.02
N LEU A 283 -9.35 8.38 9.12
CA LEU A 283 -9.03 8.66 7.72
C LEU A 283 -10.24 8.29 6.86
N HIS A 284 -10.61 9.19 5.95
CA HIS A 284 -11.80 9.09 5.12
C HIS A 284 -11.32 9.12 3.67
N VAL A 285 -11.54 8.03 2.94
CA VAL A 285 -11.06 7.92 1.56
C VAL A 285 -12.26 7.77 0.65
N THR A 286 -12.28 8.56 -0.41
CA THR A 286 -13.35 8.47 -1.38
C THR A 286 -12.77 8.04 -2.72
N GLN A 287 -13.49 7.20 -3.43
CA GLN A 287 -13.05 6.60 -4.68
C GLN A 287 -13.98 7.03 -5.81
N PRO A 288 -13.54 6.92 -7.06
CA PRO A 288 -14.40 7.34 -8.18
C PRO A 288 -15.52 6.34 -8.43
N GLU A 289 -16.57 6.84 -9.08
CA GLU A 289 -17.73 6.01 -9.42
C GLU A 289 -17.35 4.94 -10.46
N ARG A 309 -8.82 -2.48 -5.36
CA ARG A 309 -8.13 -2.95 -4.17
C ARG A 309 -7.49 -1.79 -3.43
N LEU A 310 -7.62 -0.59 -4.00
CA LEU A 310 -6.93 0.57 -3.45
C LEU A 310 -7.48 0.95 -2.08
N MET A 311 -8.80 0.90 -1.92
CA MET A 311 -9.43 1.28 -0.64
C MET A 311 -8.93 0.39 0.49
N ARG A 312 -8.93 -0.93 0.27
CA ARG A 312 -8.46 -1.85 1.31
C ARG A 312 -6.98 -1.66 1.60
N THR A 313 -6.17 -1.39 0.57
CA THR A 313 -4.74 -1.19 0.79
C THR A 313 -4.46 0.02 1.68
N LEU A 314 -5.15 1.13 1.46
CA LEU A 314 -4.94 2.26 2.35
C LEU A 314 -5.43 1.96 3.76
N ARG A 315 -6.58 1.30 3.88
CA ARG A 315 -7.10 0.92 5.19
C ARG A 315 -6.08 0.05 5.93
N ASN A 316 -5.52 -0.94 5.24
CA ASN A 316 -4.58 -1.83 5.91
C ASN A 316 -3.34 -1.08 6.39
N ALA A 317 -2.96 -0.01 5.69
CA ALA A 317 -1.76 0.73 6.04
C ALA A 317 -1.99 1.74 7.14
N TYR A 318 -3.24 2.16 7.36
CA TYR A 318 -3.52 3.22 8.30
C TYR A 318 -3.82 2.65 9.68
N GLN A 319 -3.16 3.22 10.70
CA GLN A 319 -3.35 2.82 12.11
C GLN A 319 -4.47 3.64 12.73
N GLY A 320 -5.71 3.24 12.47
CA GLY A 320 -6.84 3.96 13.05
C GLY A 320 -8.14 3.66 12.31
N THR A 321 -9.13 4.49 12.61
CA THR A 321 -10.48 4.32 12.07
C THR A 321 -10.52 4.76 10.61
N PHE A 322 -11.23 3.98 9.79
CA PHE A 322 -11.26 4.20 8.35
C PHE A 322 -12.71 4.33 7.89
N ILE A 323 -13.02 5.43 7.18
CA ILE A 323 -14.32 5.66 6.56
C ILE A 323 -14.15 5.53 5.05
N CYS A 324 -14.92 4.62 4.45
CA CYS A 324 -14.95 4.45 3.00
C CYS A 324 -16.13 5.19 2.38
N SER A 325 -15.95 5.62 1.14
CA SER A 325 -16.90 6.51 0.50
C SER A 325 -16.79 6.38 -1.01
N GLY A 326 -17.94 6.53 -1.68
CA GLY A 326 -17.98 6.57 -3.13
C GLY A 326 -18.72 5.40 -3.73
N GLY A 327 -19.98 5.60 -4.10
CA GLY A 327 -20.74 4.55 -4.75
C GLY A 327 -21.25 3.46 -3.84
N TYR A 328 -21.19 3.64 -2.53
CA TYR A 328 -21.69 2.60 -1.64
C TYR A 328 -23.21 2.55 -1.66
N THR A 329 -23.72 1.33 -1.64
CA THR A 329 -25.12 0.99 -1.49
C THR A 329 -25.31 0.36 -0.11
N ARG A 330 -26.55 0.02 0.21
CA ARG A 330 -26.81 -0.75 1.43
C ARG A 330 -25.99 -2.04 1.44
N GLU A 331 -26.05 -2.80 0.35
CA GLU A 331 -25.36 -4.09 0.29
C GLU A 331 -23.84 -3.91 0.31
N LEU A 332 -23.31 -2.94 -0.44
CA LEU A 332 -21.87 -2.74 -0.46
C LEU A 332 -21.35 -2.19 0.87
N GLY A 333 -22.13 -1.35 1.55
CA GLY A 333 -21.74 -0.90 2.88
C GLY A 333 -21.73 -2.03 3.90
N ILE A 334 -22.74 -2.89 3.88
CA ILE A 334 -22.76 -4.05 4.77
C ILE A 334 -21.52 -4.90 4.53
N GLU A 335 -21.23 -5.17 3.27
CA GLU A 335 -20.08 -6.01 2.90
C GLU A 335 -18.77 -5.37 3.36
N ALA A 336 -18.63 -4.06 3.19
CA ALA A 336 -17.38 -3.39 3.56
C ALA A 336 -17.08 -3.55 5.05
N VAL A 337 -18.09 -3.38 5.89
CA VAL A 337 -17.87 -3.52 7.32
C VAL A 337 -17.67 -4.99 7.70
N ALA A 338 -18.46 -5.89 7.08
CA ALA A 338 -18.35 -7.31 7.41
C ALA A 338 -17.00 -7.89 7.01
N GLN A 339 -16.42 -7.44 5.91
CA GLN A 339 -15.14 -7.96 5.46
C GLN A 339 -13.94 -7.22 6.05
N GLY A 340 -14.17 -6.23 6.91
CA GLY A 340 -13.09 -5.47 7.50
C GLY A 340 -12.47 -4.44 6.58
N ASP A 341 -13.15 -4.06 5.49
CA ASP A 341 -12.63 -3.07 4.57
C ASP A 341 -12.78 -1.65 5.11
N ALA A 342 -13.64 -1.44 6.09
CA ALA A 342 -13.81 -0.12 6.68
C ALA A 342 -14.53 -0.27 8.01
N ASP A 343 -14.37 0.76 8.84
CA ASP A 343 -15.11 0.81 10.10
C ASP A 343 -16.41 1.57 9.97
N LEU A 344 -16.46 2.57 9.09
CA LEU A 344 -17.64 3.39 8.88
C LEU A 344 -17.80 3.58 7.37
N VAL A 345 -19.03 3.83 6.93
CA VAL A 345 -19.34 3.97 5.51
C VAL A 345 -20.11 5.27 5.37
N SER A 346 -19.64 6.17 4.53
CA SER A 346 -20.33 7.44 4.33
C SER A 346 -21.12 7.42 3.03
N TYR A 347 -22.31 8.02 3.06
CA TYR A 347 -23.22 8.09 1.93
C TYR A 347 -23.46 9.55 1.59
N GLY A 348 -23.37 9.88 0.31
CA GLY A 348 -23.64 11.23 -0.15
C GLY A 348 -24.97 11.39 -0.83
N ARG A 349 -25.03 11.07 -2.14
CA ARG A 349 -26.22 11.38 -2.93
C ARG A 349 -27.48 10.76 -2.34
N LEU A 350 -27.41 9.53 -1.83
CA LEU A 350 -28.62 8.92 -1.28
C LEU A 350 -29.09 9.62 0.00
N PHE A 351 -28.16 10.26 0.73
CA PHE A 351 -28.54 11.05 1.89
C PHE A 351 -29.18 12.38 1.50
N ILE A 352 -28.92 12.88 0.29
CA ILE A 352 -29.64 14.07 -0.17
C ILE A 352 -31.14 13.80 -0.19
N SER A 353 -31.54 12.65 -0.74
CA SER A 353 -32.95 12.41 -1.02
C SER A 353 -33.64 11.53 0.01
N ASN A 354 -32.90 10.95 0.96
CA ASN A 354 -33.46 10.10 1.99
C ASN A 354 -33.02 10.65 3.33
N PRO A 355 -33.81 11.55 3.93
CA PRO A 355 -33.37 12.14 5.20
C PRO A 355 -33.21 11.08 6.27
N ASP A 356 -34.05 10.06 6.22
CA ASP A 356 -33.99 8.91 7.12
C ASP A 356 -33.24 7.74 6.48
N LEU A 357 -32.13 8.05 5.80
CA LEU A 357 -31.32 7.01 5.16
C LEU A 357 -30.93 5.91 6.15
N VAL A 358 -30.53 6.29 7.37
CA VAL A 358 -30.10 5.29 8.36
C VAL A 358 -31.21 4.28 8.62
N MET A 359 -32.42 4.78 8.88
CA MET A 359 -33.54 3.89 9.14
C MET A 359 -33.89 3.06 7.90
N ARG A 360 -33.80 3.65 6.71
CA ARG A 360 -34.09 2.87 5.51
C ARG A 360 -33.08 1.75 5.31
N ILE A 361 -31.81 2.01 5.62
CA ILE A 361 -30.81 0.96 5.56
C ILE A 361 -31.10 -0.11 6.60
N LYS A 362 -31.54 0.30 7.79
CA LYS A 362 -31.87 -0.66 8.84
C LYS A 362 -33.00 -1.59 8.42
N LEU A 363 -34.05 -1.03 7.84
CA LEU A 363 -35.24 -1.77 7.46
C LEU A 363 -35.16 -2.38 6.06
N ASN A 364 -34.11 -2.05 5.31
CA ASN A 364 -34.05 -2.39 3.89
C ASN A 364 -35.28 -1.88 3.15
N ALA A 365 -35.67 -0.63 3.47
CA ALA A 365 -36.80 0.05 2.85
C ALA A 365 -36.35 0.71 1.55
N PRO A 366 -37.26 0.87 0.58
CA PRO A 366 -36.89 1.48 -0.70
C PRO A 366 -36.45 2.93 -0.53
N LEU A 367 -35.51 3.35 -1.37
CA LEU A 367 -34.90 4.66 -1.29
C LEU A 367 -35.50 5.61 -2.32
N ASN A 368 -35.50 6.90 -1.98
CA ASN A 368 -36.01 7.95 -2.87
C ASN A 368 -34.94 8.39 -3.86
N LYS A 369 -35.37 8.73 -5.07
CA LYS A 369 -34.47 9.29 -6.05
C LYS A 369 -34.06 10.70 -5.65
N TYR A 370 -32.87 11.11 -6.08
CA TYR A 370 -32.41 12.46 -5.88
C TYR A 370 -32.48 13.24 -7.18
N ASN A 371 -32.68 14.54 -7.02
CA ASN A 371 -32.72 15.45 -8.21
CA ASN A 371 -32.71 15.48 -8.18
C ASN A 371 -31.44 16.39 -8.35
N ARG A 372 -30.61 15.96 -9.30
CA ARG A 372 -29.36 16.69 -9.52
C ARG A 372 -29.60 18.19 -9.74
N LYS A 373 -30.72 18.54 -10.36
CA LYS A 373 -30.97 19.95 -10.68
C LYS A 373 -30.98 20.83 -9.44
N THR A 374 -31.30 20.27 -8.27
CA THR A 374 -31.40 21.07 -7.04
C THR A 374 -30.28 20.76 -6.05
N PHE A 375 -29.17 20.18 -6.52
CA PHE A 375 -28.02 19.97 -5.65
C PHE A 375 -27.46 21.29 -5.13
N TYR A 376 -27.37 22.31 -5.99
CA TYR A 376 -26.61 23.52 -5.69
C TYR A 376 -27.44 24.79 -5.81
N THR A 377 -28.76 24.66 -5.81
CA THR A 377 -29.63 25.81 -5.87
C THR A 377 -29.79 26.42 -4.48
N GLN A 378 -30.44 27.60 -4.41
CA GLN A 378 -30.43 28.35 -3.15
C GLN A 378 -31.71 28.24 -2.33
N ASP A 379 -32.74 27.56 -2.82
CA ASP A 379 -33.99 27.51 -2.07
C ASP A 379 -33.80 26.83 -0.72
N PRO A 380 -34.35 27.39 0.36
CA PRO A 380 -34.16 26.75 1.68
C PRO A 380 -34.96 25.48 1.86
N VAL A 381 -35.91 25.17 0.97
CA VAL A 381 -36.79 24.02 1.09
C VAL A 381 -36.71 23.11 -0.13
N VAL A 382 -36.93 23.68 -1.33
CA VAL A 382 -37.09 22.88 -2.53
C VAL A 382 -35.81 22.13 -2.85
N GLY A 383 -35.90 20.81 -2.94
CA GLY A 383 -34.72 19.99 -3.18
C GLY A 383 -33.74 19.96 -2.03
N TYR A 384 -34.14 20.41 -0.85
CA TYR A 384 -33.23 20.50 0.28
C TYR A 384 -33.83 19.80 1.49
N THR A 385 -34.98 20.27 1.96
CA THR A 385 -35.66 19.66 3.10
C THR A 385 -37.00 19.04 2.76
N ASP A 386 -37.40 19.05 1.49
CA ASP A 386 -38.70 18.54 1.10
C ASP A 386 -38.65 17.11 0.55
N TYR A 387 -37.52 16.44 0.65
CA TYR A 387 -37.49 15.02 0.34
C TYR A 387 -38.17 14.28 1.48
N PRO A 388 -39.09 13.37 1.20
CA PRO A 388 -39.96 12.84 2.27
C PRO A 388 -39.32 11.71 3.04
N PHE A 389 -39.81 11.56 4.28
CA PHE A 389 -39.49 10.41 5.11
C PHE A 389 -40.35 9.22 4.69
N LEU A 390 -39.99 8.04 5.20
CA LEU A 390 -40.69 6.79 4.89
C LEU A 390 -42.21 6.90 5.01
N ASN B 16 41.87 -11.12 -9.52
CA ASN B 16 40.67 -11.33 -8.71
C ASN B 16 39.82 -12.45 -9.30
N PRO B 17 39.71 -13.58 -8.59
CA PRO B 17 38.92 -14.70 -9.10
C PRO B 17 37.44 -14.41 -9.24
N LEU B 18 36.91 -13.41 -8.52
CA LEU B 18 35.51 -13.04 -8.71
C LEU B 18 35.25 -12.47 -10.09
N PHE B 19 36.28 -12.13 -10.85
CA PHE B 19 36.12 -11.54 -12.16
C PHE B 19 36.63 -12.45 -13.28
N SER B 20 36.76 -13.72 -12.97
CA SER B 20 36.90 -14.76 -13.97
C SER B 20 35.52 -15.08 -14.53
N PRO B 21 35.37 -15.18 -15.86
CA PRO B 21 34.07 -15.55 -16.41
C PRO B 21 33.66 -16.94 -15.96
N TYR B 22 32.36 -17.19 -16.03
CA TYR B 22 31.80 -18.47 -15.63
C TYR B 22 30.61 -18.79 -16.52
N LYS B 23 30.51 -20.04 -16.92
CA LYS B 23 29.43 -20.52 -17.79
C LYS B 23 28.38 -21.19 -16.90
N MET B 24 27.29 -20.46 -16.61
CA MET B 24 26.13 -21.04 -15.91
C MET B 24 25.22 -21.72 -16.92
N GLY B 25 25.65 -22.90 -17.36
CA GLY B 25 24.95 -23.56 -18.44
C GLY B 25 25.03 -22.73 -19.71
N LYS B 26 23.89 -22.33 -20.26
CA LYS B 26 23.90 -21.55 -21.48
C LYS B 26 24.08 -20.05 -21.24
N PHE B 27 24.23 -19.62 -19.99
CA PHE B 27 24.44 -18.21 -19.67
C PHE B 27 25.91 -18.00 -19.38
N ASN B 28 26.56 -17.14 -20.18
CA ASN B 28 27.96 -16.81 -19.99
C ASN B 28 28.05 -15.56 -19.11
N LEU B 29 28.44 -15.76 -17.85
CA LEU B 29 28.58 -14.64 -16.93
C LEU B 29 30.00 -14.08 -17.03
N SER B 30 30.11 -12.77 -16.91
CA SER B 30 31.41 -12.12 -16.95
C SER B 30 32.07 -12.02 -15.58
N HIS B 31 31.32 -12.26 -14.51
CA HIS B 31 31.89 -12.22 -13.17
C HIS B 31 30.97 -13.01 -12.26
N ARG B 32 31.42 -13.22 -11.02
CA ARG B 32 30.80 -14.19 -10.13
C ARG B 32 30.06 -13.53 -8.97
N VAL B 33 29.85 -12.22 -9.02
CA VAL B 33 29.11 -11.50 -7.99
C VAL B 33 27.64 -11.51 -8.38
N VAL B 34 26.81 -12.09 -7.52
CA VAL B 34 25.39 -12.30 -7.80
C VAL B 34 24.55 -11.46 -6.83
N LEU B 35 23.47 -10.86 -7.34
CA LEU B 35 22.49 -10.20 -6.47
C LEU B 35 21.61 -11.27 -5.85
N ALA B 36 21.69 -11.40 -4.53
CA ALA B 36 20.84 -12.38 -3.82
C ALA B 36 19.39 -11.90 -3.85
N PRO B 37 18.43 -12.83 -3.79
CA PRO B 37 17.02 -12.45 -3.73
C PRO B 37 16.69 -11.70 -2.44
N MET B 38 16.05 -10.60 -2.49
CA MET B 38 15.66 -9.78 -1.34
C MET B 38 14.29 -9.13 -1.52
N THR B 39 13.47 -9.48 -0.63
CA THR B 39 12.13 -8.88 -0.53
C THR B 39 12.27 -7.43 -0.07
N ARG B 40 11.69 -6.48 -0.81
CA ARG B 40 11.79 -5.04 -0.48
C ARG B 40 10.39 -4.40 -0.34
N CYS B 41 9.34 -5.08 -0.78
CA CYS B 41 7.97 -4.61 -0.54
C CYS B 41 7.65 -3.30 -1.25
N ARG B 42 8.26 -3.05 -2.42
CA ARG B 42 7.89 -1.90 -3.24
C ARG B 42 6.89 -2.24 -4.34
N ALA B 43 6.50 -3.50 -4.46
CA ALA B 43 5.62 -3.96 -5.54
C ALA B 43 4.17 -3.79 -5.09
N LEU B 44 3.71 -2.54 -5.10
CA LEU B 44 2.44 -2.19 -4.48
C LEU B 44 1.28 -3.02 -5.02
N ASN B 45 0.48 -3.59 -4.11
CA ASN B 45 -0.68 -4.44 -4.45
C ASN B 45 -0.30 -5.64 -5.29
N ASN B 46 0.94 -6.12 -5.10
CA ASN B 46 1.51 -7.27 -5.79
C ASN B 46 1.84 -7.02 -7.26
N ILE B 47 1.76 -5.78 -7.73
CA ILE B 47 2.10 -5.44 -9.11
C ILE B 47 3.55 -4.97 -9.15
N PRO B 48 4.39 -5.54 -10.00
CA PRO B 48 5.73 -4.99 -10.18
C PRO B 48 5.63 -3.55 -10.68
N GLN B 49 6.32 -2.66 -9.97
CA GLN B 49 6.23 -1.23 -10.21
C GLN B 49 7.46 -0.76 -10.98
N ALA B 50 7.33 0.41 -11.61
CA ALA B 50 8.48 1.01 -12.31
C ALA B 50 9.69 1.15 -11.38
N ALA B 51 9.44 1.38 -10.09
CA ALA B 51 10.54 1.50 -9.13
C ALA B 51 11.42 0.24 -9.15
N LEU B 52 10.81 -0.93 -9.28
CA LEU B 52 11.61 -2.17 -9.33
C LEU B 52 12.52 -2.15 -10.55
N GLY B 53 12.05 -1.58 -11.65
CA GLY B 53 12.90 -1.47 -12.82
C GLY B 53 14.13 -0.63 -12.56
N GLU B 54 13.94 0.53 -11.92
CA GLU B 54 15.08 1.37 -11.60
C GLU B 54 16.03 0.68 -10.62
N TYR B 55 15.47 -0.01 -9.62
CA TYR B 55 16.29 -0.68 -8.62
C TYR B 55 17.16 -1.76 -9.24
N TYR B 56 16.55 -2.64 -10.04
CA TYR B 56 17.33 -3.71 -10.65
C TYR B 56 18.27 -3.18 -11.72
N GLU B 57 17.86 -2.12 -12.44
CA GLU B 57 18.75 -1.56 -13.46
C GLU B 57 19.99 -0.96 -12.83
N GLN B 58 19.85 -0.36 -11.64
CA GLN B 58 21.01 0.22 -10.96
C GLN B 58 22.04 -0.84 -10.62
N ARG B 59 21.58 -2.04 -10.29
CA ARG B 59 22.44 -3.12 -9.84
C ARG B 59 22.90 -4.02 -10.97
N ALA B 60 22.25 -3.96 -12.13
CA ALA B 60 22.60 -4.79 -13.27
C ALA B 60 23.97 -4.41 -13.84
N THR B 61 24.70 -5.40 -14.32
CA THR B 61 25.98 -5.19 -14.99
C THR B 61 26.06 -6.12 -16.20
N ALA B 62 26.89 -5.75 -17.16
CA ALA B 62 27.05 -6.59 -18.35
C ALA B 62 27.65 -7.92 -17.95
N GLY B 63 26.91 -9.01 -18.22
CA GLY B 63 27.32 -10.33 -17.83
C GLY B 63 27.14 -10.66 -16.37
N GLY B 64 26.44 -9.82 -15.61
CA GLY B 64 26.19 -10.11 -14.21
C GLY B 64 24.85 -10.82 -14.01
N PHE B 65 24.77 -11.63 -12.95
CA PHE B 65 23.58 -12.42 -12.64
C PHE B 65 22.80 -11.77 -11.49
N LEU B 66 21.49 -11.62 -11.69
CA LEU B 66 20.58 -11.05 -10.71
C LEU B 66 19.48 -12.05 -10.41
N ILE B 67 19.13 -12.17 -9.12
CA ILE B 67 17.96 -12.94 -8.70
C ILE B 67 16.97 -11.96 -8.06
N THR B 68 15.71 -12.01 -8.51
CA THR B 68 14.71 -11.10 -7.97
C THR B 68 14.31 -11.48 -6.56
N GLU B 69 13.66 -10.51 -5.90
CA GLU B 69 12.95 -10.79 -4.65
C GLU B 69 12.01 -11.96 -4.84
N GLY B 70 11.68 -12.63 -3.73
CA GLY B 70 10.65 -13.65 -3.81
C GLY B 70 9.36 -13.15 -4.43
N THR B 71 8.76 -13.95 -5.31
CA THR B 71 7.59 -13.56 -6.09
C THR B 71 6.49 -14.59 -5.88
N MET B 72 5.26 -14.11 -5.68
CA MET B 72 4.17 -15.03 -5.39
C MET B 72 3.81 -15.90 -6.58
N ILE B 73 3.41 -17.14 -6.26
CA ILE B 73 2.96 -18.11 -7.25
C ILE B 73 1.45 -18.30 -7.26
N SER B 74 0.73 -17.66 -6.35
CA SER B 74 -0.70 -17.84 -6.21
C SER B 74 -1.23 -16.82 -5.22
N PRO B 75 -2.55 -16.61 -5.18
CA PRO B 75 -3.11 -15.64 -4.22
C PRO B 75 -2.87 -15.99 -2.76
N THR B 76 -2.55 -17.25 -2.46
CA THR B 76 -2.41 -17.69 -1.08
C THR B 76 -0.96 -17.80 -0.64
N SER B 77 -0.01 -17.36 -1.48
CA SER B 77 1.41 -17.62 -1.26
C SER B 77 2.16 -16.51 -0.52
N ALA B 78 1.50 -15.41 -0.15
CA ALA B 78 2.20 -14.26 0.39
C ALA B 78 2.12 -14.16 1.91
N GLY B 79 3.17 -13.59 2.50
CA GLY B 79 3.25 -13.35 3.93
C GLY B 79 4.00 -12.07 4.22
N PHE B 80 4.11 -11.20 3.23
CA PHE B 80 4.72 -9.89 3.36
C PHE B 80 3.86 -8.93 2.54
N PRO B 81 3.91 -7.64 2.86
CA PRO B 81 3.10 -6.68 2.09
C PRO B 81 3.80 -6.28 0.81
N HIS B 82 2.99 -6.14 -0.26
CA HIS B 82 3.45 -5.51 -1.51
C HIS B 82 4.65 -6.25 -2.10
N VAL B 83 4.57 -7.58 -2.09
CA VAL B 83 5.54 -8.40 -2.79
C VAL B 83 4.98 -8.72 -4.17
N PRO B 84 5.80 -8.77 -5.21
CA PRO B 84 5.27 -8.98 -6.56
C PRO B 84 4.76 -10.40 -6.72
N GLY B 85 3.77 -10.55 -7.60
CA GLY B 85 3.33 -11.85 -8.04
C GLY B 85 3.75 -12.10 -9.48
N ILE B 86 3.68 -13.37 -9.88
CA ILE B 86 3.84 -13.71 -11.30
C ILE B 86 2.77 -14.70 -11.73
N PHE B 87 1.61 -14.66 -11.06
CA PHE B 87 0.54 -15.60 -11.36
C PHE B 87 -0.59 -15.03 -12.21
N THR B 88 -0.57 -13.73 -12.52
CA THR B 88 -1.58 -13.12 -13.37
C THR B 88 -0.95 -12.52 -14.62
N LYS B 89 -1.77 -12.38 -15.66
CA LYS B 89 -1.25 -11.80 -16.89
C LYS B 89 -0.88 -10.33 -16.72
N GLU B 90 -1.58 -9.62 -15.84
CA GLU B 90 -1.19 -8.25 -15.53
C GLU B 90 0.21 -8.19 -14.92
N GLN B 91 0.51 -9.11 -14.00
CA GLN B 91 1.85 -9.15 -13.41
C GLN B 91 2.90 -9.49 -14.45
N VAL B 92 2.60 -10.44 -15.34
CA VAL B 92 3.53 -10.78 -16.42
C VAL B 92 3.85 -9.54 -17.25
N ARG B 93 2.81 -8.78 -17.62
CA ARG B 93 3.04 -7.62 -18.48
C ARG B 93 3.95 -6.61 -17.80
N GLU B 94 3.78 -6.40 -16.49
CA GLU B 94 4.60 -5.42 -15.79
C GLU B 94 6.02 -5.93 -15.55
N TRP B 95 6.18 -7.22 -15.27
CA TRP B 95 7.52 -7.77 -15.12
C TRP B 95 8.30 -7.64 -16.42
N LYS B 96 7.62 -7.76 -17.56
CA LYS B 96 8.31 -7.73 -18.85
C LYS B 96 9.06 -6.41 -19.03
N LYS B 97 8.46 -5.31 -18.57
CA LYS B 97 9.10 -4.00 -18.67
C LYS B 97 10.37 -3.92 -17.81
N ILE B 98 10.37 -4.61 -16.66
CA ILE B 98 11.55 -4.66 -15.80
C ILE B 98 12.64 -5.55 -16.39
N VAL B 99 12.27 -6.73 -16.90
CA VAL B 99 13.24 -7.63 -17.49
C VAL B 99 13.90 -6.98 -18.69
N ASP B 100 13.14 -6.16 -19.43
CA ASP B 100 13.69 -5.53 -20.62
C ASP B 100 14.78 -4.53 -20.27
N VAL B 101 14.56 -3.69 -19.24
CA VAL B 101 15.59 -2.73 -18.87
C VAL B 101 16.83 -3.43 -18.33
N VAL B 102 16.66 -4.54 -17.60
CA VAL B 102 17.82 -5.26 -17.09
C VAL B 102 18.59 -5.92 -18.22
N HIS B 103 17.86 -6.52 -19.17
CA HIS B 103 18.52 -7.13 -20.33
C HIS B 103 19.25 -6.11 -21.18
N ALA B 104 18.74 -4.88 -21.27
CA ALA B 104 19.44 -3.84 -22.01
C ALA B 104 20.74 -3.40 -21.36
N LYS B 105 21.00 -3.84 -20.13
CA LYS B 105 22.31 -3.56 -19.49
C LYS B 105 23.21 -4.79 -19.63
N GLY B 106 22.70 -5.87 -20.22
CA GLY B 106 23.51 -7.09 -20.45
C GLY B 106 23.44 -8.10 -19.32
N ALA B 107 22.54 -7.92 -18.37
CA ALA B 107 22.51 -8.83 -17.24
C ALA B 107 21.62 -10.04 -17.52
N VAL B 108 21.85 -11.10 -16.75
CA VAL B 108 20.99 -12.27 -16.71
C VAL B 108 20.16 -12.15 -15.44
N ILE B 109 18.87 -12.46 -15.52
CA ILE B 109 17.98 -12.29 -14.36
C ILE B 109 17.06 -13.50 -14.22
N PHE B 110 17.00 -14.06 -13.00
CA PHE B 110 16.07 -15.14 -12.66
C PHE B 110 15.05 -14.61 -11.66
N CYS B 111 13.83 -15.13 -11.74
CA CYS B 111 12.75 -14.75 -10.83
C CYS B 111 12.64 -15.82 -9.74
N GLN B 112 12.71 -15.41 -8.48
CA GLN B 112 12.55 -16.35 -7.37
C GLN B 112 11.08 -16.60 -7.09
N LEU B 113 10.67 -17.86 -7.14
CA LEU B 113 9.28 -18.24 -6.89
C LEU B 113 9.12 -18.63 -5.44
N TRP B 114 8.18 -17.99 -4.74
CA TRP B 114 8.17 -18.00 -3.28
C TRP B 114 6.76 -18.25 -2.74
N HIS B 115 6.60 -19.30 -1.95
CA HIS B 115 5.39 -19.54 -1.18
C HIS B 115 5.78 -19.58 0.29
N VAL B 116 5.13 -18.74 1.12
CA VAL B 116 5.51 -18.64 2.52
C VAL B 116 4.92 -19.73 3.40
N GLY B 117 3.96 -20.48 2.91
CA GLY B 117 3.33 -21.48 3.76
C GLY B 117 2.70 -20.87 5.01
N ARG B 118 3.06 -21.43 6.16
CA ARG B 118 2.46 -21.00 7.42
C ARG B 118 2.96 -19.66 7.90
N ALA B 119 3.97 -19.08 7.23
CA ALA B 119 4.52 -17.77 7.59
C ALA B 119 3.70 -16.66 6.94
N SER B 120 2.44 -16.58 7.35
CA SER B 120 1.51 -15.61 6.80
C SER B 120 0.56 -15.19 7.91
N HIS B 121 -0.51 -14.51 7.52
CA HIS B 121 -1.48 -13.93 8.46
C HIS B 121 -2.77 -13.73 7.69
N GLU B 122 -3.88 -13.69 8.43
CA GLU B 122 -5.19 -13.47 7.81
C GLU B 122 -5.20 -12.25 6.87
N VAL B 123 -4.47 -11.20 7.24
CA VAL B 123 -4.46 -9.97 6.44
C VAL B 123 -3.88 -10.19 5.04
N TYR B 124 -3.04 -11.22 4.87
CA TYR B 124 -2.37 -11.50 3.61
C TYR B 124 -3.05 -12.59 2.79
N GLN B 125 -4.12 -13.18 3.32
CA GLN B 125 -4.80 -14.31 2.72
C GLN B 125 -6.15 -13.90 2.17
N PRO B 126 -6.55 -14.43 1.02
CA PRO B 126 -7.88 -14.14 0.48
C PRO B 126 -8.96 -14.59 1.45
N ALA B 127 -9.92 -13.71 1.70
CA ALA B 127 -11.03 -13.95 2.63
C ALA B 127 -10.57 -14.11 4.08
N GLY B 128 -9.33 -13.72 4.39
CA GLY B 128 -8.81 -13.93 5.74
C GLY B 128 -8.70 -15.38 6.11
N ALA B 129 -8.52 -16.27 5.13
CA ALA B 129 -8.43 -17.70 5.36
C ALA B 129 -7.11 -18.07 6.03
N ALA B 130 -7.08 -19.27 6.59
CA ALA B 130 -5.86 -19.74 7.24
C ALA B 130 -4.76 -20.02 6.21
N PRO B 131 -3.51 -19.70 6.53
CA PRO B 131 -2.40 -20.10 5.64
C PRO B 131 -2.29 -21.62 5.58
N ILE B 132 -1.58 -22.10 4.56
CA ILE B 132 -1.40 -23.55 4.36
C ILE B 132 0.01 -23.96 4.75
N SER B 133 0.14 -25.24 5.07
CA SER B 133 1.45 -25.77 5.46
C SER B 133 1.40 -27.29 5.38
N SER B 134 2.54 -27.91 5.69
CA SER B 134 2.60 -29.34 5.88
C SER B 134 1.94 -29.76 7.19
N THR B 135 1.79 -28.82 8.11
CA THR B 135 1.44 -29.08 9.49
C THR B 135 0.34 -28.12 9.92
N GLU B 136 -0.26 -28.40 11.08
CA GLU B 136 -1.19 -27.51 11.73
C GLU B 136 -0.54 -26.68 12.83
N LYS B 137 0.74 -26.91 13.10
CA LYS B 137 1.44 -26.21 14.16
C LYS B 137 1.79 -24.79 13.71
N PRO B 138 1.47 -23.77 14.49
CA PRO B 138 1.86 -22.42 14.11
C PRO B 138 3.31 -22.15 14.48
N ILE B 139 3.89 -21.17 13.77
CA ILE B 139 5.16 -20.62 14.20
C ILE B 139 5.01 -20.13 15.64
N SER B 140 6.04 -20.37 16.45
CA SER B 140 5.98 -19.98 17.88
C SER B 140 5.91 -18.48 18.10
N ASN B 141 5.57 -18.07 19.33
CA ASN B 141 5.40 -16.63 19.67
C ASN B 141 6.75 -15.92 19.73
N ARG B 142 7.84 -16.65 19.56
CA ARG B 142 9.19 -16.04 19.51
C ARG B 142 9.31 -15.21 18.23
N TRP B 143 8.48 -15.49 17.23
CA TRP B 143 8.55 -14.77 15.97
C TRP B 143 7.25 -14.02 15.75
N ARG B 144 7.36 -12.83 15.14
CA ARG B 144 6.21 -11.99 14.83
C ARG B 144 6.27 -11.59 13.36
N ILE B 145 5.10 -11.40 12.75
CA ILE B 145 5.00 -11.11 11.33
C ILE B 145 4.83 -9.61 11.11
N LEU B 146 5.55 -9.08 10.14
CA LEU B 146 5.36 -7.68 9.74
C LEU B 146 3.98 -7.52 9.11
N MET B 147 3.25 -6.53 9.58
CA MET B 147 1.89 -6.22 9.18
C MET B 147 1.90 -5.08 8.16
N PRO B 148 0.85 -4.94 7.34
CA PRO B 148 0.84 -3.86 6.33
C PRO B 148 0.97 -2.46 6.92
N ASP B 149 0.51 -2.25 8.16
CA ASP B 149 0.65 -0.96 8.82
C ASP B 149 1.98 -0.76 9.52
N GLY B 150 2.93 -1.70 9.38
CA GLY B 150 4.23 -1.54 9.96
C GLY B 150 4.37 -2.05 11.38
N THR B 151 3.27 -2.48 12.00
CA THR B 151 3.37 -3.15 13.29
C THR B 151 3.70 -4.63 13.07
N HIS B 152 3.85 -5.36 14.17
CA HIS B 152 4.08 -6.79 14.10
C HIS B 152 2.93 -7.54 14.74
N GLY B 153 2.58 -8.68 14.14
CA GLY B 153 1.44 -9.46 14.56
C GLY B 153 1.82 -10.90 14.86
N ILE B 154 0.79 -11.68 15.18
CA ILE B 154 0.95 -13.05 15.65
C ILE B 154 0.74 -13.99 14.47
N TYR B 155 1.62 -14.98 14.32
CA TYR B 155 1.43 -16.01 13.30
C TYR B 155 0.28 -16.93 13.71
N PRO B 156 -0.70 -17.16 12.84
CA PRO B 156 -1.85 -18.01 13.18
C PRO B 156 -1.56 -19.49 12.92
N LYS B 157 -2.50 -20.32 13.33
CA LYS B 157 -2.41 -21.74 13.04
C LYS B 157 -2.65 -21.96 11.55
N PRO B 158 -1.80 -22.71 10.85
CA PRO B 158 -2.05 -23.02 9.45
C PRO B 158 -2.96 -24.23 9.31
N ARG B 159 -3.39 -24.45 8.08
CA ARG B 159 -4.16 -25.62 7.67
C ARG B 159 -3.20 -26.61 7.03
N ALA B 160 -3.18 -27.85 7.53
CA ALA B 160 -2.31 -28.88 6.96
C ALA B 160 -2.98 -29.44 5.71
N ILE B 161 -2.27 -29.37 4.58
CA ILE B 161 -2.88 -29.70 3.30
C ILE B 161 -2.74 -31.19 3.01
N GLY B 162 -3.71 -31.74 2.28
CA GLY B 162 -3.65 -33.10 1.80
C GLY B 162 -2.85 -33.22 0.52
N THR B 163 -2.73 -34.46 0.03
CA THR B 163 -1.84 -34.66 -1.11
C THR B 163 -2.42 -34.13 -2.42
N TYR B 164 -3.76 -34.06 -2.53
CA TYR B 164 -4.34 -33.44 -3.72
C TYR B 164 -3.96 -31.97 -3.78
N GLU B 165 -4.10 -31.27 -2.65
CA GLU B 165 -3.73 -29.87 -2.59
C GLU B 165 -2.24 -29.69 -2.84
N ILE B 166 -1.40 -30.61 -2.35
CA ILE B 166 0.03 -30.54 -2.64
C ILE B 166 0.26 -30.51 -4.14
N SER B 167 -0.42 -31.40 -4.88
CA SER B 167 -0.25 -31.40 -6.34
C SER B 167 -0.74 -30.10 -6.97
N GLN B 168 -1.78 -29.47 -6.39
CA GLN B 168 -2.21 -28.18 -6.91
C GLN B 168 -1.18 -27.09 -6.66
N VAL B 169 -0.49 -27.14 -5.51
CA VAL B 169 0.56 -26.14 -5.26
C VAL B 169 1.73 -26.35 -6.20
N VAL B 170 2.10 -27.61 -6.45
CA VAL B 170 3.12 -27.90 -7.45
C VAL B 170 2.75 -27.28 -8.79
N GLU B 171 1.48 -27.42 -9.18
CA GLU B 171 1.04 -26.83 -10.43
C GLU B 171 1.13 -25.30 -10.41
N ASP B 172 0.93 -24.67 -9.24
CA ASP B 172 1.12 -23.22 -9.14
C ASP B 172 2.57 -22.84 -9.44
N TYR B 173 3.54 -23.61 -8.94
CA TYR B 173 4.93 -23.36 -9.29
C TYR B 173 5.15 -23.53 -10.80
N ARG B 174 4.59 -24.60 -11.37
CA ARG B 174 4.76 -24.85 -12.80
C ARG B 174 4.21 -23.69 -13.64
N ARG B 175 3.00 -23.24 -13.31
CA ARG B 175 2.38 -22.16 -14.07
C ARG B 175 3.16 -20.87 -13.91
N SER B 176 3.65 -20.60 -12.69
CA SER B 176 4.42 -19.38 -12.45
C SER B 176 5.76 -19.43 -13.19
N ALA B 177 6.37 -20.61 -13.30
CA ALA B 177 7.62 -20.72 -14.06
C ALA B 177 7.39 -20.41 -15.54
N LEU B 178 6.29 -20.90 -16.12
CA LEU B 178 5.96 -20.56 -17.49
C LEU B 178 5.68 -19.06 -17.65
N ASN B 179 4.97 -18.48 -16.69
CA ASN B 179 4.72 -17.03 -16.73
C ASN B 179 6.02 -16.25 -16.68
N ALA B 180 7.00 -16.72 -15.90
CA ALA B 180 8.27 -16.01 -15.83
C ALA B 180 9.00 -16.05 -17.16
N ILE B 181 8.99 -17.19 -17.85
CA ILE B 181 9.54 -17.28 -19.20
C ILE B 181 8.79 -16.34 -20.15
N GLU B 182 7.46 -16.29 -20.00
CA GLU B 182 6.68 -15.41 -20.86
C GLU B 182 7.07 -13.95 -20.67
N ALA B 183 7.40 -13.56 -19.43
CA ALA B 183 7.83 -12.20 -19.16
C ALA B 183 9.25 -11.92 -19.62
N GLY B 184 9.97 -12.95 -20.07
CA GLY B 184 11.32 -12.77 -20.57
C GLY B 184 12.41 -13.14 -19.59
N PHE B 185 12.06 -13.61 -18.38
CA PHE B 185 13.09 -14.01 -17.44
C PHE B 185 13.98 -15.11 -18.04
N ASP B 186 15.26 -15.08 -17.70
CA ASP B 186 16.17 -16.11 -18.16
C ASP B 186 15.92 -17.45 -17.46
N GLY B 187 15.38 -17.41 -16.25
CA GLY B 187 15.00 -18.62 -15.56
C GLY B 187 14.32 -18.27 -14.26
N ILE B 188 14.15 -19.29 -13.41
CA ILE B 188 13.54 -19.12 -12.10
C ILE B 188 14.41 -19.79 -11.04
N GLU B 189 14.25 -19.33 -9.80
CA GLU B 189 14.84 -19.97 -8.64
C GLU B 189 13.72 -20.43 -7.72
N ILE B 190 13.81 -21.67 -7.26
CA ILE B 190 12.83 -22.19 -6.31
C ILE B 190 13.28 -21.79 -4.91
N HIS B 191 12.45 -21.03 -4.21
CA HIS B 191 12.75 -20.64 -2.83
C HIS B 191 12.39 -21.81 -1.91
N GLY B 192 13.38 -22.62 -1.56
CA GLY B 192 13.17 -23.71 -0.62
C GLY B 192 13.87 -23.51 0.70
N ALA B 193 14.03 -22.26 1.11
CA ALA B 193 14.83 -21.86 2.26
C ALA B 193 13.98 -21.13 3.32
N HIS B 194 14.66 -20.80 4.43
CA HIS B 194 14.23 -19.80 5.42
C HIS B 194 12.93 -20.12 6.13
N GLY B 195 12.52 -21.39 6.21
CA GLY B 195 11.32 -21.72 6.96
C GLY B 195 10.00 -21.49 6.23
N TYR B 196 10.04 -21.30 4.92
CA TYR B 196 8.83 -21.04 4.14
C TYR B 196 8.24 -22.39 3.73
N LEU B 197 7.33 -22.42 2.74
CA LEU B 197 6.51 -23.62 2.52
C LEU B 197 7.36 -24.87 2.27
N ILE B 198 8.33 -24.79 1.35
CA ILE B 198 9.16 -25.96 1.06
C ILE B 198 9.95 -26.40 2.28
N ASP B 199 10.53 -25.44 3.01
CA ASP B 199 11.25 -25.76 4.24
C ASP B 199 10.33 -26.38 5.29
N GLN B 200 9.04 -26.03 5.27
CA GLN B 200 8.11 -26.64 6.22
C GLN B 200 7.86 -28.12 5.92
N PHE B 201 8.12 -28.57 4.70
CA PHE B 201 8.15 -30.00 4.41
C PHE B 201 9.52 -30.61 4.68
N LEU B 202 10.61 -29.88 4.42
CA LEU B 202 11.94 -30.49 4.55
C LEU B 202 12.32 -30.75 6.00
N LYS B 203 12.00 -29.82 6.90
CA LYS B 203 12.56 -29.78 8.24
C LYS B 203 11.74 -30.65 9.19
N ASP B 204 12.40 -31.62 9.84
CA ASP B 204 11.72 -32.48 10.80
C ASP B 204 11.26 -31.76 12.06
N GLY B 205 11.75 -30.55 12.32
CA GLY B 205 11.17 -29.76 13.41
C GLY B 205 9.82 -29.14 13.08
N ILE B 206 9.40 -29.21 11.81
CA ILE B 206 8.11 -28.68 11.36
C ILE B 206 7.22 -29.79 10.86
N ASN B 207 7.75 -30.68 10.03
CA ASN B 207 6.96 -31.67 9.32
C ASN B 207 6.64 -32.80 10.29
N ASP B 208 5.41 -32.82 10.78
CA ASP B 208 4.92 -33.85 11.67
C ASP B 208 3.94 -34.78 10.97
N ARG B 209 4.01 -34.87 9.65
CA ARG B 209 3.06 -35.66 8.89
C ARG B 209 3.33 -37.15 9.06
N THR B 210 2.28 -37.94 8.97
CA THR B 210 2.40 -39.40 8.99
C THR B 210 2.06 -40.03 7.65
N ASP B 211 1.87 -39.23 6.61
CA ASP B 211 1.60 -39.75 5.28
C ASP B 211 2.91 -39.86 4.49
N GLU B 212 2.82 -40.02 3.17
CA GLU B 212 4.00 -40.23 2.35
C GLU B 212 4.84 -38.98 2.16
N TYR B 213 4.44 -37.84 2.73
CA TYR B 213 5.23 -36.61 2.67
C TYR B 213 5.93 -36.30 3.98
N GLY B 214 5.92 -37.23 4.95
CA GLY B 214 6.51 -36.99 6.24
C GLY B 214 7.26 -38.22 6.74
N GLY B 215 8.04 -38.00 7.79
CA GLY B 215 8.83 -39.06 8.39
C GLY B 215 10.25 -39.14 7.84
N SER B 216 10.46 -40.08 6.93
CA SER B 216 11.80 -40.35 6.41
C SER B 216 12.33 -39.15 5.61
N LEU B 217 13.65 -39.12 5.45
CA LEU B 217 14.29 -38.14 4.58
C LEU B 217 13.69 -38.17 3.18
N ALA B 218 13.42 -39.37 2.66
CA ALA B 218 12.87 -39.48 1.32
C ALA B 218 11.49 -38.85 1.23
N ASN B 219 10.66 -39.08 2.25
CA ASN B 219 9.32 -38.50 2.27
C ASN B 219 9.38 -36.99 2.44
N ARG B 220 10.27 -36.50 3.32
CA ARG B 220 10.36 -35.07 3.54
C ARG B 220 10.90 -34.33 2.34
N CYS B 221 11.66 -35.02 1.49
CA CYS B 221 12.24 -34.44 0.29
C CYS B 221 11.30 -34.52 -0.90
N LYS B 222 10.15 -35.20 -0.74
CA LYS B 222 9.27 -35.45 -1.87
C LYS B 222 8.69 -34.15 -2.43
N PHE B 223 8.29 -33.21 -1.55
CA PHE B 223 7.68 -31.98 -2.03
C PHE B 223 8.65 -31.18 -2.88
N ILE B 224 9.86 -30.93 -2.37
CA ILE B 224 10.83 -30.16 -3.15
C ILE B 224 11.18 -30.87 -4.45
N THR B 225 11.28 -32.20 -4.43
CA THR B 225 11.57 -32.95 -5.65
C THR B 225 10.47 -32.75 -6.68
N GLN B 226 9.21 -32.85 -6.25
CA GLN B 226 8.08 -32.66 -7.16
C GLN B 226 8.02 -31.22 -7.68
N VAL B 227 8.32 -30.24 -6.83
CA VAL B 227 8.33 -28.85 -7.31
C VAL B 227 9.40 -28.68 -8.37
N VAL B 228 10.62 -29.13 -8.09
CA VAL B 228 11.72 -28.95 -9.03
C VAL B 228 11.46 -29.71 -10.32
N GLN B 229 10.98 -30.95 -10.22
CA GLN B 229 10.66 -31.72 -11.43
C GLN B 229 9.61 -31.03 -12.28
N ALA B 230 8.59 -30.46 -11.65
CA ALA B 230 7.53 -29.80 -12.40
C ALA B 230 8.07 -28.61 -13.19
N VAL B 231 8.88 -27.77 -12.55
CA VAL B 231 9.43 -26.62 -13.24
C VAL B 231 10.47 -27.04 -14.28
N VAL B 232 11.26 -28.07 -13.99
CA VAL B 232 12.24 -28.55 -14.98
C VAL B 232 11.53 -29.06 -16.23
N SER B 233 10.43 -29.80 -16.05
CA SER B 233 9.69 -30.30 -17.21
C SER B 233 9.04 -29.17 -17.99
N ALA B 234 8.69 -28.07 -17.32
CA ALA B 234 7.99 -26.99 -17.98
C ALA B 234 8.94 -26.08 -18.77
N ILE B 235 10.11 -25.75 -18.21
CA ILE B 235 10.95 -24.71 -18.81
C ILE B 235 12.38 -25.18 -19.10
N GLY B 236 12.71 -26.39 -18.67
CA GLY B 236 14.06 -26.90 -18.89
C GLY B 236 14.96 -26.73 -17.68
N ALA B 237 15.77 -27.76 -17.39
CA ALA B 237 16.58 -27.74 -16.17
C ALA B 237 17.56 -26.57 -16.15
N ASP B 238 18.09 -26.19 -17.31
CA ASP B 238 19.12 -25.16 -17.36
C ASP B 238 18.59 -23.78 -16.96
N ARG B 239 17.27 -23.64 -16.83
CA ARG B 239 16.65 -22.39 -16.44
C ARG B 239 16.10 -22.44 -15.02
N VAL B 240 16.52 -23.42 -14.23
CA VAL B 240 15.97 -23.66 -12.90
C VAL B 240 17.11 -23.67 -11.88
N GLY B 241 17.09 -22.72 -10.94
CA GLY B 241 17.95 -22.78 -9.78
C GLY B 241 17.16 -23.19 -8.54
N VAL B 242 17.83 -23.72 -7.51
CA VAL B 242 17.19 -24.17 -6.28
C VAL B 242 17.94 -23.58 -5.10
N ARG B 243 17.21 -22.98 -4.15
CA ARG B 243 17.81 -22.36 -2.97
C ARG B 243 17.33 -23.06 -1.71
N VAL B 244 18.28 -23.48 -0.86
CA VAL B 244 17.94 -24.11 0.42
C VAL B 244 18.83 -23.54 1.53
N SER B 245 18.44 -23.84 2.76
CA SER B 245 19.14 -23.34 3.95
C SER B 245 18.97 -24.34 5.07
N PRO B 246 19.62 -25.50 4.96
CA PRO B 246 19.41 -26.56 5.97
C PRO B 246 19.77 -26.14 7.39
N ALA B 247 20.70 -25.20 7.58
CA ALA B 247 21.18 -24.86 8.90
C ALA B 247 20.63 -23.54 9.44
N ILE B 248 19.75 -22.87 8.70
CA ILE B 248 19.11 -21.66 9.21
C ILE B 248 17.81 -22.07 9.90
N ASP B 249 17.65 -21.62 11.16
CA ASP B 249 16.54 -21.99 12.05
C ASP B 249 15.39 -20.99 12.04
N HIS B 250 15.38 -20.05 11.11
CA HIS B 250 14.39 -18.99 11.06
C HIS B 250 12.97 -19.54 11.07
N LEU B 251 12.09 -18.89 11.85
CA LEU B 251 10.66 -19.27 11.89
C LEU B 251 10.45 -20.71 12.35
N ASP B 252 11.25 -21.13 13.34
CA ASP B 252 11.15 -22.47 13.95
C ASP B 252 11.44 -23.58 12.95
N ALA B 253 12.38 -23.35 12.05
CA ALA B 253 12.68 -24.31 10.99
C ALA B 253 13.97 -25.06 11.29
N MET B 254 13.92 -25.86 12.37
CA MET B 254 15.03 -26.69 12.82
C MET B 254 14.96 -28.07 12.18
N ASP B 255 16.13 -28.60 11.81
CA ASP B 255 16.28 -30.03 11.57
C ASP B 255 17.25 -30.62 12.58
N SER B 256 16.92 -31.84 13.04
CA SER B 256 17.79 -32.54 13.98
C SER B 256 19.15 -32.87 13.37
N ASN B 257 19.26 -32.91 12.05
CA ASN B 257 20.52 -33.23 11.40
C ASN B 257 20.62 -32.41 10.11
N PRO B 258 20.99 -31.13 10.23
CA PRO B 258 21.02 -30.27 9.02
C PRO B 258 21.91 -30.78 7.91
N LEU B 259 23.07 -31.36 8.24
CA LEU B 259 23.96 -31.86 7.20
C LEU B 259 23.33 -33.02 6.44
N SER B 260 22.69 -33.96 7.15
CA SER B 260 22.07 -35.09 6.48
C SER B 260 20.90 -34.63 5.61
N LEU B 261 20.10 -33.69 6.11
CA LEU B 261 19.03 -33.12 5.30
C LEU B 261 19.57 -32.49 4.03
N GLY B 262 20.60 -31.66 4.16
CA GLY B 262 21.18 -31.01 2.99
C GLY B 262 21.70 -32.01 1.97
N LEU B 263 22.40 -33.05 2.44
CA LEU B 263 22.88 -34.06 1.51
C LEU B 263 21.72 -34.83 0.88
N ALA B 264 20.62 -35.03 1.63
CA ALA B 264 19.46 -35.71 1.06
C ALA B 264 18.84 -34.90 -0.09
N VAL B 265 18.73 -33.58 0.10
CA VAL B 265 18.23 -32.75 -0.98
C VAL B 265 19.15 -32.82 -2.18
N VAL B 266 20.46 -32.75 -1.95
CA VAL B 266 21.43 -32.79 -3.05
C VAL B 266 21.30 -34.09 -3.83
N GLU B 267 21.14 -35.20 -3.10
CA GLU B 267 20.90 -36.50 -3.73
C GLU B 267 19.73 -36.45 -4.71
N ARG B 268 18.61 -35.83 -4.31
CA ARG B 268 17.46 -35.78 -5.20
C ARG B 268 17.69 -34.85 -6.37
N LEU B 269 18.43 -33.75 -6.17
CA LEU B 269 18.75 -32.87 -7.27
C LEU B 269 19.67 -33.56 -8.28
N ASN B 270 20.69 -34.27 -7.78
CA ASN B 270 21.56 -35.01 -8.68
C ASN B 270 20.77 -36.00 -9.52
N LYS B 271 19.77 -36.66 -8.92
CA LYS B 271 18.95 -37.65 -9.59
C LYS B 271 18.03 -37.00 -10.64
N ILE B 272 17.45 -35.84 -10.31
CA ILE B 272 16.65 -35.13 -11.31
C ILE B 272 17.50 -34.82 -12.53
N GLN B 273 18.76 -34.44 -12.32
CA GLN B 273 19.63 -34.11 -13.43
C GLN B 273 19.90 -35.31 -14.33
N LEU B 274 20.19 -36.48 -13.73
CA LEU B 274 20.43 -37.66 -14.57
C LEU B 274 19.18 -38.10 -15.33
N HIS B 275 18.02 -38.07 -14.67
CA HIS B 275 16.78 -38.48 -15.33
C HIS B 275 16.39 -37.52 -16.44
N SER B 276 16.72 -36.24 -16.29
CA SER B 276 16.39 -35.25 -17.31
C SER B 276 17.46 -35.10 -18.37
N GLY B 277 18.64 -35.69 -18.19
CA GLY B 277 19.73 -35.50 -19.12
C GLY B 277 20.24 -34.08 -19.22
N SER B 278 20.04 -33.26 -18.19
CA SER B 278 20.54 -31.90 -18.22
C SER B 278 20.78 -31.43 -16.79
N LYS B 279 21.60 -30.41 -16.66
CA LYS B 279 21.96 -29.89 -15.35
C LYS B 279 21.07 -28.71 -15.02
N LEU B 280 20.73 -28.58 -13.75
CA LEU B 280 20.06 -27.38 -13.27
C LEU B 280 20.97 -26.18 -13.48
N ALA B 281 20.39 -24.99 -13.40
CA ALA B 281 21.21 -23.78 -13.48
C ALA B 281 22.21 -23.74 -12.33
N TYR B 282 21.77 -24.10 -11.12
CA TYR B 282 22.63 -24.06 -9.95
C TYR B 282 21.87 -24.53 -8.73
N LEU B 283 22.65 -24.87 -7.70
CA LEU B 283 22.19 -24.95 -6.32
C LEU B 283 22.74 -23.77 -5.55
N HIS B 284 21.88 -23.14 -4.74
CA HIS B 284 22.18 -21.91 -4.02
C HIS B 284 21.92 -22.21 -2.56
N VAL B 285 22.96 -22.15 -1.73
CA VAL B 285 22.86 -22.51 -0.32
C VAL B 285 23.18 -21.28 0.50
N THR B 286 22.32 -20.98 1.47
CA THR B 286 22.56 -19.85 2.35
C THR B 286 22.74 -20.36 3.77
N GLN B 287 23.62 -19.70 4.50
CA GLN B 287 24.02 -20.11 5.83
C GLN B 287 23.69 -19.01 6.83
N PRO B 288 23.55 -19.34 8.12
CA PRO B 288 23.20 -18.34 9.15
C PRO B 288 24.37 -17.44 9.50
N ALA B 308 30.88 -24.71 9.75
CA ALA B 308 30.82 -24.00 8.44
C ALA B 308 31.55 -24.81 7.37
N ARG B 309 31.71 -26.13 7.58
CA ARG B 309 32.26 -27.01 6.52
C ARG B 309 31.02 -27.56 5.80
N LEU B 310 29.83 -27.19 6.29
CA LEU B 310 28.56 -27.66 5.69
C LEU B 310 28.47 -27.14 4.25
N MET B 311 28.79 -25.88 4.05
CA MET B 311 28.73 -25.29 2.70
C MET B 311 29.59 -26.12 1.74
N ARG B 312 30.86 -26.35 2.11
CA ARG B 312 31.74 -27.12 1.23
C ARG B 312 31.25 -28.54 1.06
N THR B 313 30.71 -29.15 2.11
CA THR B 313 30.21 -30.51 2.03
C THR B 313 29.06 -30.63 1.02
N LEU B 314 28.10 -29.69 1.07
CA LEU B 314 27.03 -29.76 0.07
C LEU B 314 27.55 -29.47 -1.33
N ARG B 315 28.49 -28.53 -1.46
CA ARG B 315 29.07 -28.24 -2.77
C ARG B 315 29.74 -29.47 -3.34
N ASN B 316 30.54 -30.15 -2.52
CA ASN B 316 31.25 -31.35 -2.99
C ASN B 316 30.29 -32.44 -3.43
N ALA B 317 29.10 -32.49 -2.82
CA ALA B 317 28.13 -33.54 -3.14
C ALA B 317 27.30 -33.22 -4.37
N TYR B 318 27.15 -31.93 -4.71
CA TYR B 318 26.26 -31.51 -5.78
C TYR B 318 27.01 -31.54 -7.11
N GLN B 319 26.41 -32.18 -8.13
CA GLN B 319 26.96 -32.21 -9.48
C GLN B 319 26.47 -31.01 -10.30
N GLY B 320 27.15 -29.88 -10.11
CA GLY B 320 26.81 -28.69 -10.89
C GLY B 320 27.30 -27.41 -10.22
N THR B 321 26.73 -26.30 -10.69
CA THR B 321 27.13 -24.97 -10.26
C THR B 321 26.59 -24.67 -8.87
N PHE B 322 27.42 -24.07 -8.03
CA PHE B 322 27.08 -23.83 -6.63
C PHE B 322 27.22 -22.35 -6.32
N ILE B 323 26.17 -21.75 -5.74
CA ILE B 323 26.20 -20.36 -5.29
C ILE B 323 26.17 -20.35 -3.77
N CYS B 324 27.18 -19.73 -3.15
CA CYS B 324 27.20 -19.62 -1.70
C CYS B 324 26.68 -18.24 -1.29
N SER B 325 26.12 -18.16 -0.09
CA SER B 325 25.42 -16.98 0.35
C SER B 325 25.40 -16.94 1.87
N GLY B 326 25.45 -15.71 2.41
CA GLY B 326 25.29 -15.50 3.84
C GLY B 326 26.54 -15.01 4.52
N GLY B 327 26.62 -13.71 4.78
CA GLY B 327 27.77 -13.16 5.48
C GLY B 327 29.00 -12.98 4.64
N TYR B 328 28.91 -13.14 3.32
CA TYR B 328 30.10 -12.98 2.50
C TYR B 328 30.50 -11.51 2.39
N THR B 329 31.80 -11.27 2.47
CA THR B 329 32.43 -10.00 2.20
C THR B 329 33.19 -10.10 0.89
N ARG B 330 33.81 -9.00 0.47
CA ARG B 330 34.71 -9.07 -0.68
C ARG B 330 35.77 -10.15 -0.46
N GLU B 331 36.42 -10.12 0.70
CA GLU B 331 37.54 -11.02 0.95
C GLU B 331 37.08 -12.47 1.06
N LEU B 332 35.96 -12.71 1.76
CA LEU B 332 35.45 -14.07 1.88
C LEU B 332 34.90 -14.58 0.54
N GLY B 333 34.32 -13.70 -0.28
CA GLY B 333 33.91 -14.13 -1.61
C GLY B 333 35.07 -14.50 -2.50
N ILE B 334 36.14 -13.70 -2.47
CA ILE B 334 37.33 -14.04 -3.24
C ILE B 334 37.87 -15.39 -2.80
N GLU B 335 37.94 -15.61 -1.48
CA GLU B 335 38.47 -16.86 -0.95
C GLU B 335 37.61 -18.05 -1.35
N ALA B 336 36.29 -17.90 -1.31
CA ALA B 336 35.39 -19.00 -1.66
C ALA B 336 35.63 -19.48 -3.09
N VAL B 337 35.77 -18.54 -4.03
CA VAL B 337 35.98 -18.95 -5.42
C VAL B 337 37.40 -19.47 -5.62
N ALA B 338 38.39 -18.82 -5.00
CA ALA B 338 39.78 -19.26 -5.16
C ALA B 338 39.99 -20.66 -4.62
N GLN B 339 39.36 -20.99 -3.49
CA GLN B 339 39.53 -22.28 -2.84
C GLN B 339 38.61 -23.38 -3.38
N GLY B 340 37.79 -23.06 -4.37
CA GLY B 340 36.85 -24.01 -4.93
C GLY B 340 35.62 -24.28 -4.09
N ASP B 341 35.34 -23.43 -3.08
CA ASP B 341 34.17 -23.63 -2.23
C ASP B 341 32.86 -23.28 -2.94
N ALA B 342 32.92 -22.48 -4.00
CA ALA B 342 31.73 -22.10 -4.74
C ALA B 342 32.13 -21.56 -6.10
N ASP B 343 31.18 -21.60 -7.04
CA ASP B 343 31.41 -21.01 -8.35
C ASP B 343 30.95 -19.56 -8.40
N LEU B 344 29.91 -19.22 -7.64
CA LEU B 344 29.36 -17.86 -7.62
C LEU B 344 29.06 -17.51 -6.17
N VAL B 345 29.07 -16.21 -5.87
CA VAL B 345 28.88 -15.71 -4.51
C VAL B 345 27.76 -14.67 -4.56
N SER B 346 26.70 -14.87 -3.79
CA SER B 346 25.61 -13.90 -3.79
C SER B 346 25.70 -12.99 -2.56
N TYR B 347 25.40 -11.72 -2.78
CA TYR B 347 25.43 -10.70 -1.75
C TYR B 347 24.03 -10.11 -1.60
N GLY B 348 23.57 -10.02 -0.36
CA GLY B 348 22.28 -9.42 -0.07
C GLY B 348 22.37 -8.01 0.48
N ARG B 349 22.62 -7.88 1.78
CA ARG B 349 22.51 -6.58 2.44
C ARG B 349 23.42 -5.53 1.81
N LEU B 350 24.66 -5.89 1.44
CA LEU B 350 25.55 -4.90 0.84
C LEU B 350 25.07 -4.46 -0.53
N PHE B 351 24.30 -5.30 -1.24
CA PHE B 351 23.74 -4.91 -2.52
C PHE B 351 22.55 -3.95 -2.35
N ILE B 352 21.90 -3.97 -1.18
CA ILE B 352 20.87 -2.98 -0.89
C ILE B 352 21.44 -1.57 -0.97
N SER B 353 22.60 -1.36 -0.34
CA SER B 353 23.13 -0.02 -0.17
C SER B 353 24.25 0.33 -1.13
N ASN B 354 24.69 -0.61 -1.96
CA ASN B 354 25.75 -0.36 -2.94
C ASN B 354 25.22 -0.80 -4.29
N PRO B 355 24.58 0.09 -5.03
CA PRO B 355 24.03 -0.31 -6.33
C PRO B 355 25.10 -0.81 -7.26
N ASP B 356 26.29 -0.21 -7.18
CA ASP B 356 27.45 -0.63 -7.94
C ASP B 356 28.36 -1.55 -7.12
N LEU B 357 27.77 -2.49 -6.38
CA LEU B 357 28.56 -3.41 -5.56
C LEU B 357 29.60 -4.15 -6.38
N VAL B 358 29.26 -4.56 -7.60
CA VAL B 358 30.21 -5.31 -8.42
C VAL B 358 31.46 -4.47 -8.66
N MET B 359 31.27 -3.22 -9.08
CA MET B 359 32.40 -2.34 -9.35
C MET B 359 33.19 -2.05 -8.08
N ARG B 360 32.52 -1.89 -6.95
CA ARG B 360 33.24 -1.66 -5.70
C ARG B 360 34.07 -2.87 -5.30
N ILE B 361 33.55 -4.08 -5.55
CA ILE B 361 34.34 -5.28 -5.28
C ILE B 361 35.56 -5.31 -6.21
N LYS B 362 35.37 -4.92 -7.47
CA LYS B 362 36.49 -4.97 -8.42
C LYS B 362 37.57 -3.96 -8.05
N LEU B 363 37.18 -2.78 -7.60
CA LEU B 363 38.10 -1.72 -7.22
C LEU B 363 38.56 -1.81 -5.78
N ASN B 364 37.95 -2.69 -4.97
CA ASN B 364 38.13 -2.66 -3.52
C ASN B 364 37.84 -1.26 -2.97
N ALA B 365 36.76 -0.66 -3.47
CA ALA B 365 36.31 0.64 -3.02
C ALA B 365 35.46 0.49 -1.75
N PRO B 366 35.47 1.49 -0.88
CA PRO B 366 34.68 1.39 0.36
C PRO B 366 33.19 1.29 0.10
N LEU B 367 32.49 0.56 0.97
CA LEU B 367 31.08 0.26 0.80
C LEU B 367 30.21 1.19 1.65
N ASN B 368 28.98 1.41 1.18
CA ASN B 368 27.99 2.21 1.90
C ASN B 368 27.26 1.37 2.92
N LYS B 369 26.92 2.00 4.05
CA LYS B 369 26.07 1.35 5.03
C LYS B 369 24.64 1.22 4.52
N TYR B 370 23.94 0.20 5.00
CA TYR B 370 22.54 -0.01 4.68
C TYR B 370 21.68 0.35 5.89
N ASN B 371 20.42 0.69 5.62
CA ASN B 371 19.49 1.16 6.65
C ASN B 371 18.36 0.14 6.79
N ARG B 372 18.43 -0.68 7.84
CA ARG B 372 17.41 -1.70 8.07
C ARG B 372 16.01 -1.11 8.14
N LYS B 373 15.87 0.13 8.61
CA LYS B 373 14.55 0.72 8.76
C LYS B 373 13.79 0.79 7.44
N THR B 374 14.49 0.88 6.31
CA THR B 374 13.85 1.00 5.01
C THR B 374 13.97 -0.27 4.16
N PHE B 375 14.24 -1.41 4.79
CA PHE B 375 14.26 -2.69 4.06
C PHE B 375 12.90 -3.00 3.44
N TYR B 376 11.82 -2.80 4.20
CA TYR B 376 10.50 -3.33 3.85
C TYR B 376 9.44 -2.24 3.74
N THR B 377 9.86 -0.99 3.65
CA THR B 377 8.94 0.13 3.50
C THR B 377 8.51 0.25 2.04
N GLN B 378 7.54 1.15 1.77
CA GLN B 378 6.89 1.17 0.46
C GLN B 378 7.34 2.30 -0.46
N ASP B 379 8.19 3.21 0.01
CA ASP B 379 8.58 4.34 -0.84
C ASP B 379 9.35 3.88 -2.07
N PRO B 380 9.03 4.40 -3.26
CA PRO B 380 9.72 3.93 -4.46
C PRO B 380 11.14 4.43 -4.59
N VAL B 381 11.57 5.40 -3.78
CA VAL B 381 12.90 5.98 -3.85
C VAL B 381 13.66 5.83 -2.53
N VAL B 382 13.04 6.22 -1.42
CA VAL B 382 13.73 6.38 -0.15
C VAL B 382 14.15 5.01 0.38
N GLY B 383 15.45 4.83 0.59
CA GLY B 383 15.96 3.54 1.03
C GLY B 383 15.88 2.45 0.00
N TYR B 384 15.65 2.79 -1.27
CA TYR B 384 15.48 1.82 -2.34
C TYR B 384 16.40 2.14 -3.52
N THR B 385 16.19 3.28 -4.17
CA THR B 385 17.02 3.69 -5.29
C THR B 385 17.90 4.90 -5.00
N ASP B 386 17.87 5.43 -3.77
CA ASP B 386 18.62 6.63 -3.45
C ASP B 386 19.95 6.35 -2.73
N TYR B 387 20.38 5.10 -2.66
CA TYR B 387 21.73 4.82 -2.19
C TYR B 387 22.72 5.21 -3.29
N PRO B 388 23.76 5.97 -2.98
CA PRO B 388 24.58 6.57 -4.03
C PRO B 388 25.58 5.60 -4.66
N PHE B 389 25.93 5.93 -5.90
CA PHE B 389 27.01 5.28 -6.62
C PHE B 389 28.35 5.87 -6.17
N LEU B 390 29.44 5.20 -6.56
CA LEU B 390 30.77 5.76 -6.37
C LEU B 390 30.89 7.15 -7.02
N1 FMN C . -17.13 15.95 -0.83
C2 FMN C . -16.40 16.71 0.06
O2 FMN C . -15.39 16.23 0.56
N3 FMN C . -16.83 17.97 0.41
C4 FMN C . -17.98 18.50 -0.13
O4 FMN C . -18.36 19.65 0.19
C4A FMN C . -18.73 17.71 -1.02
N5 FMN C . -19.87 18.22 -1.62
C5A FMN C . -20.63 17.44 -2.46
C6 FMN C . -21.81 17.96 -3.01
C7 FMN C . -22.56 17.17 -3.87
C7M FMN C . -23.84 17.74 -4.46
C8 FMN C . -22.15 15.89 -4.19
C8M FMN C . -22.93 15.03 -5.14
C9 FMN C . -20.97 15.39 -3.65
C9A FMN C . -20.21 16.15 -2.78
N10 FMN C . -19.03 15.66 -2.24
C10 FMN C . -18.30 16.43 -1.37
C1' FMN C . -18.58 14.24 -2.54
C2' FMN C . -19.39 13.35 -1.57
O2' FMN C . -19.08 13.60 -0.19
C3' FMN C . -19.26 11.84 -1.81
O3' FMN C . -17.91 11.49 -1.59
C4' FMN C . -19.70 11.47 -3.22
O4' FMN C . -21.03 11.92 -3.45
C5' FMN C . -19.66 9.98 -3.53
O5' FMN C . -20.47 9.27 -2.61
P FMN C . -21.95 8.74 -2.97
O1P FMN C . -22.76 9.94 -3.46
O2P FMN C . -22.52 8.17 -1.69
O3P FMN C . -21.90 7.68 -4.04
O7N WI6 D . -15.53 18.24 -2.67
C7N WI6 D . -16.48 18.94 -3.03
N7N WI6 D . -16.75 20.16 -2.51
C3N WI6 D . -17.50 18.45 -4.06
C2N WI6 D . -16.86 17.43 -4.99
C4N WI6 D . -18.21 19.48 -4.89
C5N WI6 D . -18.82 19.02 -5.98
C6N WI6 D . -18.88 17.57 -6.35
N1N WI6 D . -17.88 16.72 -5.72
C1'A WI6 D . -17.29 15.65 -6.49
O4'A WI6 D . -16.89 16.12 -7.75
C2'A WI6 D . -18.08 14.36 -6.83
O2'A WI6 D . -18.32 13.51 -5.75
C3'A WI6 D . -17.18 13.77 -7.93
O3'A WI6 D . -16.17 12.94 -7.40
C4'A WI6 D . -16.64 15.01 -8.62
C5'A WI6 D . -17.33 15.18 -9.97
O5'A WI6 D . -18.67 15.53 -9.74
PN WI6 D . -19.81 15.03 -10.81
O1N WI6 D . -19.38 13.68 -11.29
O2N WI6 D . -21.17 15.25 -10.19
O3 WI6 D . -19.55 16.16 -11.97
PA WI6 D . -20.26 17.65 -12.08
O2P WI6 D . -19.46 18.53 -12.98
O1 WI6 D . -20.66 18.10 -10.71
O5' WI6 D . -21.63 17.17 -12.84
N1 FMN E . 16.17 -14.66 0.63
C2 FMN E . 15.35 -15.31 -0.25
O2 FMN E . 15.63 -16.45 -0.59
N3 FMN E . 14.22 -14.65 -0.76
C4 FMN E . 13.93 -13.36 -0.35
O4 FMN E . 12.92 -12.77 -0.82
C4A FMN E . 14.78 -12.72 0.53
N5 FMN E . 14.48 -11.43 0.96
C5A FMN E . 15.34 -10.77 1.81
C6 FMN E . 15.05 -9.47 2.19
C7 FMN E . 15.91 -8.81 3.07
C7M FMN E . 15.59 -7.39 3.46
C8 FMN E . 17.05 -9.46 3.55
C8M FMN E . 17.97 -8.75 4.51
C9 FMN E . 17.32 -10.75 3.16
C9A FMN E . 16.47 -11.42 2.29
N10 FMN E . 16.73 -12.72 1.91
C10 FMN E . 15.90 -13.37 1.02
C1' FMN E . 17.98 -13.42 2.38
C2' FMN E . 19.05 -12.94 1.40
O2' FMN E . 18.88 -13.37 0.07
C3' FMN E . 20.44 -13.43 1.74
O3' FMN E . 20.55 -14.84 1.76
C4' FMN E . 21.07 -12.81 2.96
O4' FMN E . 20.64 -11.52 3.32
C5' FMN E . 22.29 -12.54 2.14
O5' FMN E . 23.37 -12.60 2.97
P FMN E . 24.13 -11.24 3.15
O1P FMN E . 24.88 -11.02 1.86
O2P FMN E . 25.06 -11.40 4.33
O3P FMN E . 23.10 -10.16 3.42
O7N WI6 F . 13.45 -15.47 2.40
C7N WI6 F . 12.97 -14.37 2.62
N7N WI6 F . 11.89 -13.92 1.97
C3N WI6 F . 13.58 -13.37 3.60
C2N WI6 F . 14.40 -14.10 4.64
C4N WI6 F . 12.66 -12.41 4.27
C5N WI6 F . 13.13 -11.82 5.37
C6N WI6 F . 14.55 -11.96 5.83
N1N WI6 F . 15.21 -13.19 5.40
C1'A WI6 F . 16.01 -13.92 6.36
O4'A WI6 F . 15.36 -13.98 7.61
C2'A WI6 F . 17.44 -13.46 6.72
O2'A WI6 F . 18.37 -13.61 5.69
C3'A WI6 F . 17.69 -14.31 7.97
O3'A WI6 F . 18.29 -15.56 7.66
C4'A WI6 F . 16.31 -14.40 8.60
C5'A WI6 F . 16.25 -13.52 9.83
O5'A WI6 F . 16.08 -12.21 9.36
PN WI6 F . 16.58 -10.93 10.26
O1N WI6 F . 17.68 -11.43 11.15
O2N WI6 F . 16.77 -9.75 9.36
O3 WI6 F . 15.20 -10.73 11.15
PA WI6 F . 14.93 -9.60 12.30
O2P WI6 F . 13.54 -9.06 12.19
O1 WI6 F . 16.11 -8.68 12.38
O5' WI6 F . 15.06 -10.60 13.59
#